data_2VD9
#
_entry.id   2VD9
#
_cell.length_a   59.692
_cell.length_b   96.504
_cell.length_c   140.660
_cell.angle_alpha   90.00
_cell.angle_beta   90.00
_cell.angle_gamma   90.00
#
_symmetry.space_group_name_H-M   'P 21 21 21'
#
loop_
_entity.id
_entity.type
_entity.pdbx_description
1 polymer 'ALANINE RACEMASE'
2 non-polymer 'MAGNESIUM ION'
3 non-polymer 'CHLORIDE ION'
4 non-polymer '{1-[(3-HYDROXY-METHYL-5-PHOSPHONOOXY-METHYL-PYRIDIN-4-YLMETHYL)-AMINO]-ETHYL}-PHOSPHONIC ACID'
5 non-polymer '(1S)-1-[((1E)-{3-HYDROXY-2-METHYL-5-[(PHOSPHONOOXY)METHYL]PYRIDIN-4-YL}METHYLENE)AMINO]ETHYLPHOSPHONIC ACID'
6 water water
#
_entity_poly.entity_id   1
_entity_poly.type   'polypeptide(L)'
_entity_poly.pdbx_seq_one_letter_code
;GPMEEAPFYRDTWVEVDLDAIYNNVTHI(MLY)EFIPSDVEIFAVVKGNAYGHDYVPVA(MLY)IALEAGATRLAVAFLD
EALVLRRAGITAPILVLGPSPPRDINVAAENDVALTVFQ(MLY)EWVDEAI(MLY)LWDGSSTM(MLY)YHINFDSGMGR
IGIRER(MLY)EL(MLY)GFL(MLY)SLEGAPFLELEGVYTHFATADEVETSYFD(MLY)QYNTFLEQLSWL(MLY)EFG
VDP(MLY)FVHTANSAATLRFQGITFNAVRIGIAMYGLSPSVEIRPFLPF(MLY)LEPALSLHT(MLY)VAHIKQVI
(MLY)GDGISYNVTYRT(MLY)TEEWIATVAIGYADGWLRRLQGFEVLVNG(MLY)RVPIVGRVTMDQFMIHLPCEVPLG
T(MLY)VTLIGRQGDEYISATEVAEYSGTINYEIITTISFRVPRIFIRNG(MLY)VVEVINYLNDI
;
_entity_poly.pdbx_strand_id   A,B
#
# COMPACT_ATOMS: atom_id res chain seq x y z
N ALA A 6 -15.30 1.64 13.57
CA ALA A 6 -14.48 1.10 14.65
C ALA A 6 -13.43 2.00 15.30
N PRO A 7 -12.83 1.54 16.42
CA PRO A 7 -11.79 2.33 17.08
C PRO A 7 -10.50 2.35 16.28
N PHE A 8 -9.83 3.50 16.29
CA PHE A 8 -8.48 3.63 15.77
C PHE A 8 -7.69 4.54 16.71
N TYR A 9 -6.39 4.30 16.82
CA TYR A 9 -5.57 4.86 17.91
C TYR A 9 -4.38 5.68 17.43
N ARG A 10 -4.48 6.18 16.19
CA ARG A 10 -3.51 7.13 15.66
C ARG A 10 -4.31 8.21 14.92
N ASP A 11 -3.97 9.47 15.16
CA ASP A 11 -4.69 10.59 14.57
C ASP A 11 -4.34 10.85 13.10
N THR A 12 -4.42 9.78 12.31
CA THR A 12 -4.12 9.80 10.88
C THR A 12 -5.25 9.03 10.23
N TRP A 13 -5.97 9.68 9.31
CA TRP A 13 -7.16 9.07 8.72
C TRP A 13 -7.51 9.61 7.34
N VAL A 14 -8.20 8.77 6.58
CA VAL A 14 -8.82 9.18 5.34
C VAL A 14 -10.29 9.55 5.64
N GLU A 15 -10.74 10.66 5.05
CA GLU A 15 -12.17 10.99 5.03
C GLU A 15 -12.77 10.70 3.65
N VAL A 16 -13.83 9.90 3.62
CA VAL A 16 -14.59 9.63 2.41
C VAL A 16 -15.98 10.27 2.51
N ASP A 17 -16.22 11.27 1.67
CA ASP A 17 -17.53 11.91 1.60
C ASP A 17 -18.46 11.09 0.70
N LEU A 18 -19.42 10.40 1.33
CA LEU A 18 -20.37 9.57 0.60
C LEU A 18 -21.37 10.41 -0.23
N ASP A 19 -21.62 11.65 0.20
CA ASP A 19 -22.46 12.57 -0.59
C ASP A 19 -21.82 12.85 -1.94
N ALA A 20 -20.50 13.07 -1.94
CA ALA A 20 -19.76 13.35 -3.18
C ALA A 20 -19.89 12.18 -4.15
N ILE A 21 -19.61 10.97 -3.68
CA ILE A 21 -19.72 9.77 -4.49
C ILE A 21 -21.15 9.61 -5.01
N TYR A 22 -22.12 9.74 -4.11
CA TYR A 22 -23.54 9.65 -4.45
C TYR A 22 -23.93 10.69 -5.51
N ASN A 23 -23.42 11.91 -5.36
CA ASN A 23 -23.68 12.97 -6.32
C ASN A 23 -23.04 12.72 -7.66
N ASN A 24 -21.83 12.17 -7.68
CA ASN A 24 -21.12 11.86 -8.94
C ASN A 24 -21.84 10.79 -9.74
N VAL A 25 -22.27 9.72 -9.06
CA VAL A 25 -22.99 8.65 -9.73
C VAL A 25 -24.32 9.18 -10.25
N THR A 26 -25.01 9.95 -9.42
CA THR A 26 -26.28 10.57 -9.80
C THR A 26 -26.14 11.42 -11.06
N HIS A 27 -25.11 12.26 -11.10
CA HIS A 27 -24.91 13.16 -12.22
C HIS A 27 -24.54 12.41 -13.49
N ILE A 28 -23.75 11.34 -13.35
CA ILE A 28 -23.40 10.48 -14.48
C ILE A 28 -24.65 9.79 -15.02
N GLU A 30 -27.77 10.75 -14.78
CA GLU A 30 -28.59 11.77 -15.45
C GLU A 30 -28.00 12.20 -16.78
N PHE A 31 -26.68 12.09 -16.92
CA PHE A 31 -25.99 12.52 -18.13
C PHE A 31 -26.09 11.48 -19.26
N ILE A 32 -26.07 10.20 -18.92
CA ILE A 32 -26.13 9.12 -19.90
C ILE A 32 -27.59 8.77 -20.18
N PRO A 33 -27.87 8.03 -21.29
CA PRO A 33 -29.26 7.62 -21.57
C PRO A 33 -29.88 6.73 -20.49
N SER A 34 -31.20 6.77 -20.38
CA SER A 34 -31.93 6.08 -19.30
C SER A 34 -31.84 4.55 -19.37
N ASP A 35 -31.51 4.01 -20.56
CA ASP A 35 -31.34 2.56 -20.77
C ASP A 35 -29.88 2.08 -20.66
N VAL A 36 -28.99 2.94 -20.18
CA VAL A 36 -27.58 2.58 -20.00
C VAL A 36 -27.26 2.40 -18.51
N GLU A 37 -26.85 1.19 -18.14
CA GLU A 37 -26.48 0.89 -16.76
C GLU A 37 -25.09 1.41 -16.41
N ILE A 38 -24.82 1.50 -15.11
CA ILE A 38 -23.52 1.89 -14.59
C ILE A 38 -22.95 0.74 -13.76
N PHE A 39 -21.75 0.29 -14.14
CA PHE A 39 -20.88 -0.49 -13.25
C PHE A 39 -20.15 0.49 -12.35
N ALA A 40 -20.26 0.32 -11.04
CA ALA A 40 -19.38 1.01 -10.10
C ALA A 40 -18.09 0.20 -10.00
N VAL A 41 -16.97 0.78 -10.45
CA VAL A 41 -15.67 0.08 -10.44
C VAL A 41 -14.98 0.30 -9.09
N VAL A 42 -14.92 -0.75 -8.28
CA VAL A 42 -14.45 -0.65 -6.90
C VAL A 42 -13.23 -1.55 -6.61
N LYS A 43 -12.46 -1.84 -7.65
CA LYS A 43 -11.19 -2.54 -7.48
C LYS A 43 -10.15 -1.62 -6.84
N GLY A 44 -9.08 -2.24 -6.34
CA GLY A 44 -8.01 -1.52 -5.63
C GLY A 44 -8.51 -0.87 -4.36
N ASN A 45 -9.28 -1.61 -3.57
CA ASN A 45 -9.91 -1.08 -2.36
C ASN A 45 -10.80 0.12 -2.66
N ALA A 46 -11.60 0.01 -3.71
CA ALA A 46 -12.37 1.16 -4.22
C ALA A 46 -11.47 2.38 -4.44
N TYR A 47 -10.36 2.17 -5.14
CA TYR A 47 -9.41 3.24 -5.42
C TYR A 47 -9.00 3.93 -4.11
N GLY A 48 -8.80 3.12 -3.08
CA GLY A 48 -8.45 3.60 -1.76
C GLY A 48 -9.57 4.16 -0.89
N HIS A 49 -10.83 4.07 -1.35
CA HIS A 49 -11.98 4.61 -0.61
C HIS A 49 -12.69 3.54 0.22
N ASP A 50 -12.29 2.29 0.02
CA ASP A 50 -12.85 1.08 0.67
C ASP A 50 -13.97 0.43 -0.16
N TYR A 51 -13.76 -0.85 -0.46
CA TYR A 51 -14.65 -1.67 -1.28
C TYR A 51 -16.15 -1.53 -0.98
N VAL A 52 -16.51 -1.80 0.27
CA VAL A 52 -17.92 -2.02 0.63
C VAL A 52 -18.75 -0.72 0.70
N PRO A 53 -18.26 0.30 1.44
CA PRO A 53 -19.04 1.55 1.52
C PRO A 53 -19.27 2.27 0.19
N VAL A 54 -18.29 2.19 -0.70
CA VAL A 54 -18.40 2.78 -2.04
C VAL A 54 -19.41 2.00 -2.88
N ALA A 55 -19.29 0.68 -2.86
CA ALA A 55 -20.23 -0.20 -3.55
C ALA A 55 -21.66 0.12 -3.10
N ILE A 57 -22.96 2.86 -1.54
CA ILE A 57 -23.42 4.20 -1.88
C ILE A 57 -23.65 4.35 -3.41
N ALA A 58 -22.81 3.71 -4.22
CA ALA A 58 -22.95 3.76 -5.68
C ALA A 58 -24.24 3.08 -6.14
N LEU A 59 -24.55 1.94 -5.52
CA LEU A 59 -25.80 1.22 -5.81
C LEU A 59 -27.02 2.04 -5.42
N GLU A 60 -26.96 2.70 -4.27
CA GLU A 60 -28.04 3.60 -3.82
C GLU A 60 -28.23 4.76 -4.81
N ALA A 61 -27.12 5.27 -5.35
CA ALA A 61 -27.16 6.39 -6.30
C ALA A 61 -27.66 5.99 -7.70
N GLY A 62 -27.81 4.69 -7.94
CA GLY A 62 -28.43 4.21 -9.18
C GLY A 62 -27.55 3.33 -10.05
N ALA A 63 -26.30 3.10 -9.64
CA ALA A 63 -25.48 2.08 -10.27
C ALA A 63 -26.18 0.76 -9.99
N THR A 64 -26.09 -0.17 -10.93
CA THR A 64 -26.76 -1.47 -10.82
C THR A 64 -25.79 -2.64 -10.74
N ARG A 65 -24.52 -2.40 -11.07
CA ARG A 65 -23.53 -3.47 -11.18
C ARG A 65 -22.21 -3.02 -10.55
N LEU A 66 -21.38 -4.00 -10.19
CA LEU A 66 -20.08 -3.74 -9.61
C LEU A 66 -18.98 -4.41 -10.41
N ALA A 67 -17.77 -3.84 -10.33
CA ALA A 67 -16.61 -4.34 -11.07
C ALA A 67 -15.36 -4.33 -10.20
N VAL A 68 -14.67 -5.47 -10.13
CA VAL A 68 -13.43 -5.63 -9.36
C VAL A 68 -12.28 -6.12 -10.24
N ALA A 69 -11.09 -6.25 -9.66
CA ALA A 69 -9.88 -6.64 -10.40
C ALA A 69 -9.65 -8.15 -10.41
N PHE A 70 -9.91 -8.81 -9.28
CA PHE A 70 -9.79 -10.25 -9.16
C PHE A 70 -10.77 -10.81 -8.14
N LEU A 71 -10.89 -12.13 -8.08
CA LEU A 71 -12.01 -12.79 -7.39
C LEU A 71 -12.13 -12.47 -5.90
N ASP A 72 -11.00 -12.46 -5.19
CA ASP A 72 -11.00 -12.18 -3.73
C ASP A 72 -11.68 -10.87 -3.38
N GLU A 73 -11.56 -9.88 -4.24
CA GLU A 73 -12.20 -8.58 -4.03
C GLU A 73 -13.70 -8.65 -4.16
N ALA A 74 -14.17 -9.49 -5.08
CA ALA A 74 -15.59 -9.77 -5.25
C ALA A 74 -16.18 -10.43 -4.00
N LEU A 75 -15.37 -11.27 -3.35
CA LEU A 75 -15.80 -11.99 -2.16
C LEU A 75 -15.92 -11.08 -0.93
N VAL A 76 -15.06 -10.06 -0.85
CA VAL A 76 -15.20 -9.03 0.19
C VAL A 76 -16.61 -8.43 0.11
N LEU A 77 -17.03 -8.07 -1.09
CA LEU A 77 -18.35 -7.48 -1.32
C LEU A 77 -19.47 -8.45 -0.99
N ARG A 78 -19.32 -9.69 -1.42
CA ARG A 78 -20.34 -10.72 -1.19
C ARG A 78 -20.55 -11.00 0.29
N ARG A 79 -19.45 -11.10 1.05
CA ARG A 79 -19.51 -11.29 2.50
C ARG A 79 -20.16 -10.11 3.23
N ALA A 80 -20.08 -8.92 2.66
CA ALA A 80 -20.77 -7.75 3.22
C ALA A 80 -22.29 -7.78 2.96
N GLY A 81 -22.78 -8.79 2.25
CA GLY A 81 -24.21 -8.91 1.96
C GLY A 81 -24.65 -8.22 0.68
N ILE A 82 -23.69 -7.76 -0.11
CA ILE A 82 -23.99 -7.18 -1.42
C ILE A 82 -24.40 -8.30 -2.38
N THR A 83 -25.53 -8.11 -3.06
CA THR A 83 -26.05 -9.13 -3.99
C THR A 83 -26.08 -8.67 -5.45
N ALA A 84 -25.77 -7.40 -5.72
CA ALA A 84 -25.73 -6.89 -7.09
C ALA A 84 -24.69 -7.64 -7.92
N PRO A 85 -24.87 -7.69 -9.25
CA PRO A 85 -23.87 -8.37 -10.07
C PRO A 85 -22.45 -7.83 -9.84
N ILE A 86 -21.46 -8.71 -9.81
CA ILE A 86 -20.04 -8.33 -9.75
C ILE A 86 -19.28 -9.00 -10.89
N LEU A 87 -18.58 -8.20 -11.70
CA LEU A 87 -17.68 -8.69 -12.76
C LEU A 87 -16.23 -8.49 -12.35
N VAL A 88 -15.41 -9.53 -12.54
CA VAL A 88 -13.95 -9.42 -12.41
C VAL A 88 -13.39 -9.00 -13.76
N LEU A 89 -12.68 -7.87 -13.76
CA LEU A 89 -12.19 -7.23 -14.98
C LEU A 89 -10.80 -7.73 -15.41
N GLY A 90 -9.99 -8.12 -14.43
CA GLY A 90 -8.67 -8.65 -14.70
C GLY A 90 -8.72 -10.12 -15.05
N PRO A 91 -7.56 -10.72 -15.38
CA PRO A 91 -7.52 -12.16 -15.61
C PRO A 91 -7.74 -12.95 -14.32
N SER A 92 -8.16 -14.20 -14.48
CA SER A 92 -8.40 -15.12 -13.37
C SER A 92 -7.83 -16.47 -13.75
N PRO A 93 -7.27 -17.22 -12.78
CA PRO A 93 -6.87 -18.58 -13.06
C PRO A 93 -8.08 -19.51 -13.21
N PRO A 94 -7.98 -20.52 -14.09
CA PRO A 94 -9.11 -21.46 -14.28
C PRO A 94 -9.61 -22.11 -12.99
N ARG A 95 -8.73 -22.30 -12.00
CA ARG A 95 -9.11 -22.86 -10.69
C ARG A 95 -10.21 -22.06 -9.96
N ASP A 96 -10.44 -20.83 -10.41
CA ASP A 96 -11.51 -19.98 -9.84
C ASP A 96 -12.92 -20.31 -10.30
N ILE A 97 -13.05 -21.20 -11.28
CA ILE A 97 -14.32 -21.44 -11.97
C ILE A 97 -15.50 -21.75 -11.00
N ASN A 98 -15.29 -22.68 -10.08
CA ASN A 98 -16.34 -23.13 -9.16
C ASN A 98 -16.65 -22.13 -8.05
N VAL A 99 -15.61 -21.56 -7.44
CA VAL A 99 -15.77 -20.56 -6.40
C VAL A 99 -16.48 -19.30 -6.92
N ALA A 100 -16.13 -18.85 -8.12
CA ALA A 100 -16.79 -17.68 -8.71
C ALA A 100 -18.26 -17.96 -8.95
N ALA A 101 -18.54 -19.16 -9.47
CA ALA A 101 -19.91 -19.62 -9.72
C ALA A 101 -20.71 -19.73 -8.42
N GLU A 102 -20.12 -20.34 -7.38
CA GLU A 102 -20.83 -20.51 -6.11
C GLU A 102 -21.09 -19.16 -5.40
N ASN A 103 -20.32 -18.13 -5.75
CA ASN A 103 -20.51 -16.79 -5.19
C ASN A 103 -21.17 -15.79 -6.12
N ASP A 104 -21.79 -16.29 -7.20
CA ASP A 104 -22.51 -15.46 -8.16
C ASP A 104 -21.62 -14.35 -8.72
N VAL A 105 -20.36 -14.67 -8.97
CA VAL A 105 -19.41 -13.71 -9.55
C VAL A 105 -19.07 -14.09 -10.99
N ALA A 106 -19.12 -13.09 -11.86
CA ALA A 106 -18.76 -13.25 -13.26
C ALA A 106 -17.26 -12.93 -13.46
N LEU A 107 -16.60 -13.76 -14.27
CA LEU A 107 -15.21 -13.58 -14.59
C LEU A 107 -15.05 -13.15 -16.05
N THR A 108 -13.98 -12.44 -16.35
CA THR A 108 -13.60 -12.18 -17.72
C THR A 108 -12.94 -13.45 -18.22
N VAL A 109 -13.46 -14.00 -19.32
CA VAL A 109 -12.93 -15.23 -19.93
C VAL A 109 -12.77 -15.00 -21.43
N PHE A 110 -11.58 -15.28 -21.95
CA PHE A 110 -11.23 -14.93 -23.34
C PHE A 110 -10.20 -15.87 -24.00
N GLN A 111 -9.92 -17.01 -23.39
CA GLN A 111 -8.87 -17.93 -23.87
C GLN A 111 -9.40 -19.36 -24.00
N GLU A 113 -7.56 -21.93 -23.82
CA GLU A 113 -6.78 -22.65 -22.82
C GLU A 113 -7.46 -22.60 -21.44
N TRP A 114 -8.03 -21.45 -21.11
CA TRP A 114 -8.76 -21.27 -19.86
C TRP A 114 -9.97 -22.20 -19.81
N VAL A 115 -10.73 -22.22 -20.91
CA VAL A 115 -11.91 -23.06 -21.03
C VAL A 115 -11.54 -24.53 -20.92
N ASP A 116 -10.47 -24.93 -21.61
CA ASP A 116 -9.95 -26.32 -21.54
C ASP A 116 -9.68 -26.74 -20.10
N GLU A 117 -8.96 -25.89 -19.36
CA GLU A 117 -8.65 -26.16 -17.95
C GLU A 117 -9.89 -26.13 -17.07
N ALA A 118 -10.79 -25.22 -17.34
CA ALA A 118 -12.02 -25.08 -16.57
C ALA A 118 -12.88 -26.34 -16.69
N ILE A 119 -12.93 -26.90 -17.90
CA ILE A 119 -13.60 -28.18 -18.14
C ILE A 119 -13.02 -29.26 -17.22
N LEU A 121 -11.42 -28.81 -14.34
CA LEU A 121 -11.52 -28.46 -12.93
C LEU A 121 -12.95 -28.26 -12.47
N TRP A 122 -13.89 -28.27 -13.41
CA TRP A 122 -15.30 -28.02 -13.11
C TRP A 122 -15.84 -29.09 -12.15
N ASP A 123 -16.62 -28.65 -11.16
CA ASP A 123 -17.15 -29.57 -10.12
C ASP A 123 -18.41 -30.32 -10.55
N GLY A 124 -18.81 -30.17 -11.80
CA GLY A 124 -19.90 -30.95 -12.37
C GLY A 124 -21.29 -30.43 -12.09
N SER A 125 -21.39 -29.33 -11.34
CA SER A 125 -22.67 -28.78 -10.88
C SER A 125 -22.85 -27.29 -11.17
N SER A 126 -21.77 -26.52 -11.00
CA SER A 126 -21.82 -25.05 -11.05
C SER A 126 -22.04 -24.47 -12.43
N THR A 127 -22.72 -23.33 -12.47
CA THR A 127 -22.83 -22.56 -13.72
C THR A 127 -22.18 -21.21 -13.49
N MET A 128 -21.13 -20.92 -14.26
CA MET A 128 -20.42 -19.65 -14.11
C MET A 128 -20.72 -18.71 -15.26
N TYR A 130 -19.65 -15.34 -17.51
CA TYR A 130 -18.42 -14.70 -17.97
C TYR A 130 -18.74 -13.57 -18.95
N HIS A 131 -17.80 -12.63 -19.05
CA HIS A 131 -17.82 -11.61 -20.10
C HIS A 131 -16.60 -11.80 -20.99
N ILE A 132 -16.79 -11.72 -22.30
CA ILE A 132 -15.68 -11.74 -23.24
C ILE A 132 -15.04 -10.36 -23.28
N ASN A 133 -13.75 -10.31 -22.97
CA ASN A 133 -12.95 -9.12 -23.22
C ASN A 133 -12.41 -9.20 -24.65
N PHE A 134 -12.71 -8.18 -25.44
CA PHE A 134 -12.04 -7.97 -26.72
C PHE A 134 -10.99 -6.87 -26.56
N ASP A 135 -9.75 -7.21 -26.89
CA ASP A 135 -8.65 -6.25 -26.95
C ASP A 135 -8.70 -5.48 -28.27
N SER A 136 -9.14 -4.23 -28.20
CA SER A 136 -9.25 -3.37 -29.37
C SER A 136 -8.09 -2.38 -29.49
N GLY A 137 -7.04 -2.55 -28.69
CA GLY A 137 -5.89 -1.65 -28.72
C GLY A 137 -5.25 -1.30 -27.39
N MET A 138 -5.83 -1.76 -26.29
CA MET A 138 -5.21 -1.62 -24.98
C MET A 138 -3.97 -2.55 -24.83
N GLY A 139 -3.96 -3.68 -25.52
CA GLY A 139 -2.82 -4.61 -25.48
C GLY A 139 -2.57 -5.37 -24.19
N ARG A 140 -3.57 -5.39 -23.31
CA ARG A 140 -3.43 -5.98 -21.97
C ARG A 140 -3.99 -7.39 -21.93
N ILE A 141 -5.31 -7.54 -21.83
CA ILE A 141 -5.95 -8.85 -22.01
C ILE A 141 -7.06 -8.74 -23.03
N GLY A 142 -7.56 -9.90 -23.46
CA GLY A 142 -8.69 -9.99 -24.36
C GLY A 142 -8.35 -10.53 -25.75
N ILE A 143 -9.38 -10.99 -26.44
CA ILE A 143 -9.23 -11.52 -27.80
C ILE A 143 -8.96 -10.39 -28.78
N ARG A 144 -8.00 -10.62 -29.68
CA ARG A 144 -7.59 -9.65 -30.69
C ARG A 144 -8.04 -10.07 -32.11
N GLU A 145 -8.00 -11.37 -32.39
CA GLU A 145 -8.18 -11.88 -33.76
C GLU A 145 -9.40 -12.77 -33.97
N ARG A 146 -9.80 -12.83 -35.23
CA ARG A 146 -10.97 -13.59 -35.66
C ARG A 146 -10.78 -15.09 -35.46
N GLU A 148 -8.52 -16.49 -33.56
CA GLU A 148 -8.44 -16.64 -32.11
C GLU A 148 -9.84 -16.73 -31.51
N LEU A 149 -10.75 -15.83 -31.89
CA LEU A 149 -12.14 -15.86 -31.40
C LEU A 149 -12.82 -17.20 -31.74
N GLY A 151 -11.50 -20.18 -32.35
CA GLY A 151 -10.98 -21.21 -31.48
C GLY A 151 -11.54 -21.18 -30.06
N PHE A 152 -11.71 -19.96 -29.53
CA PHE A 152 -12.29 -19.75 -28.21
C PHE A 152 -13.73 -20.25 -28.16
N LEU A 153 -14.54 -19.85 -29.12
CA LEU A 153 -15.93 -20.29 -29.21
C LEU A 153 -16.03 -21.81 -29.39
N SER A 155 -13.91 -24.11 -28.20
CA SER A 155 -13.65 -24.75 -26.90
C SER A 155 -14.85 -24.65 -25.97
N LEU A 156 -15.60 -23.55 -26.07
CA LEU A 156 -16.80 -23.33 -25.24
C LEU A 156 -17.91 -24.35 -25.50
N GLU A 157 -17.88 -24.99 -26.68
CA GLU A 157 -18.82 -26.06 -27.01
C GLU A 157 -18.71 -27.22 -26.00
N GLY A 158 -17.50 -27.47 -25.51
CA GLY A 158 -17.29 -28.50 -24.49
C GLY A 158 -17.52 -28.05 -23.06
N ALA A 159 -17.98 -26.81 -22.88
CA ALA A 159 -18.15 -26.19 -21.56
C ALA A 159 -19.54 -25.54 -21.43
N PRO A 160 -20.61 -26.36 -21.46
CA PRO A 160 -21.97 -25.85 -21.29
C PRO A 160 -22.25 -25.15 -19.95
N PHE A 161 -21.37 -25.38 -18.97
CA PHE A 161 -21.47 -24.74 -17.65
C PHE A 161 -20.99 -23.28 -17.63
N LEU A 162 -20.38 -22.83 -18.72
CA LEU A 162 -20.02 -21.42 -18.88
C LEU A 162 -21.09 -20.74 -19.71
N GLU A 163 -21.66 -19.65 -19.21
CA GLU A 163 -22.63 -18.91 -19.98
C GLU A 163 -22.33 -17.42 -20.05
N LEU A 164 -22.44 -16.89 -21.26
CA LEU A 164 -22.08 -15.51 -21.55
C LEU A 164 -23.05 -14.56 -20.87
N GLU A 165 -22.50 -13.56 -20.20
CA GLU A 165 -23.30 -12.50 -19.61
C GLU A 165 -23.12 -11.18 -20.37
N GLY A 166 -21.93 -10.97 -20.93
CA GLY A 166 -21.69 -9.76 -21.69
C GLY A 166 -20.37 -9.78 -22.42
N VAL A 167 -20.11 -8.68 -23.12
CA VAL A 167 -18.96 -8.55 -24.00
C VAL A 167 -18.46 -7.12 -23.90
N TYR A 168 -17.16 -6.94 -23.72
CA TYR A 168 -16.61 -5.59 -23.58
C TYR A 168 -15.24 -5.37 -24.19
N THR A 169 -14.88 -4.10 -24.31
CA THR A 169 -13.51 -3.67 -24.56
C THR A 169 -13.20 -2.49 -23.65
N HIS A 170 -11.96 -2.00 -23.71
CA HIS A 170 -11.47 -0.93 -22.85
C HIS A 170 -10.57 -0.01 -23.68
N PHE A 171 -10.68 1.29 -23.44
CA PHE A 171 -9.97 2.30 -24.21
C PHE A 171 -8.68 2.73 -23.53
N ALA A 172 -7.63 2.87 -24.33
CA ALA A 172 -6.29 3.18 -23.86
C ALA A 172 -6.00 4.69 -23.85
N THR A 173 -6.79 5.48 -24.59
CA THR A 173 -6.47 6.90 -24.80
C THR A 173 -7.66 7.87 -24.62
N ALA A 174 -8.72 7.41 -23.97
CA ALA A 174 -9.94 8.22 -23.84
C ALA A 174 -9.72 9.51 -23.03
N ASP A 175 -8.55 9.64 -22.39
CA ASP A 175 -8.19 10.83 -21.61
C ASP A 175 -7.21 11.76 -22.33
N GLU A 176 -6.96 11.49 -23.62
CA GLU A 176 -6.18 12.37 -24.48
C GLU A 176 -7.15 13.21 -25.32
N VAL A 177 -6.85 14.49 -25.48
CA VAL A 177 -7.75 15.39 -26.23
C VAL A 177 -7.88 14.97 -27.69
N GLU A 178 -6.77 14.66 -28.33
CA GLU A 178 -6.76 14.18 -29.72
C GLU A 178 -7.24 12.73 -29.72
N THR A 179 -8.12 12.39 -30.66
CA THR A 179 -8.97 11.22 -30.51
C THR A 179 -8.75 10.11 -31.55
N SER A 180 -7.66 10.17 -32.30
CA SER A 180 -7.41 9.21 -33.39
C SER A 180 -7.30 7.76 -32.93
N TYR A 181 -6.55 7.53 -31.86
CA TYR A 181 -6.36 6.18 -31.36
C TYR A 181 -7.68 5.62 -30.80
N PHE A 182 -8.42 6.47 -30.09
CA PHE A 182 -9.74 6.09 -29.60
C PHE A 182 -10.67 5.68 -30.74
N ASP A 183 -10.67 6.47 -31.81
CA ASP A 183 -11.52 6.22 -32.97
C ASP A 183 -11.17 4.89 -33.63
N GLN A 185 -9.78 2.30 -32.05
CA GLN A 185 -10.26 1.24 -31.14
C GLN A 185 -11.74 0.99 -31.32
N TYR A 186 -12.50 2.08 -31.41
CA TYR A 186 -13.95 2.01 -31.65
C TYR A 186 -14.26 1.20 -32.91
N ASN A 187 -13.61 1.55 -34.02
CA ASN A 187 -13.82 0.86 -35.30
C ASN A 187 -13.37 -0.60 -35.25
N THR A 188 -12.27 -0.86 -34.55
CA THR A 188 -11.77 -2.23 -34.36
C THR A 188 -12.77 -3.08 -33.57
N PHE A 189 -13.36 -2.49 -32.53
CA PHE A 189 -14.35 -3.18 -31.70
C PHE A 189 -15.66 -3.51 -32.46
N LEU A 190 -16.11 -2.60 -33.33
CA LEU A 190 -17.29 -2.88 -34.15
C LEU A 190 -17.03 -4.08 -35.07
N GLU A 191 -15.80 -4.21 -35.56
CA GLU A 191 -15.38 -5.38 -36.35
C GLU A 191 -15.43 -6.66 -35.54
N GLN A 192 -14.99 -6.59 -34.29
CA GLN A 192 -14.97 -7.74 -33.38
C GLN A 192 -16.38 -8.20 -33.01
N LEU A 193 -17.27 -7.23 -32.81
CA LEU A 193 -18.68 -7.53 -32.60
C LEU A 193 -19.29 -8.18 -33.84
N SER A 194 -18.83 -7.77 -35.03
CA SER A 194 -19.27 -8.41 -36.28
C SER A 194 -18.82 -9.86 -36.37
N TRP A 195 -17.62 -10.16 -35.89
CA TRP A 195 -17.11 -11.54 -35.88
C TRP A 195 -18.02 -12.44 -35.02
N LEU A 196 -18.42 -11.96 -33.85
CA LEU A 196 -19.32 -12.70 -32.95
C LEU A 196 -20.66 -12.98 -33.62
N GLU A 198 -21.30 -13.02 -36.86
CA GLU A 198 -20.99 -14.02 -37.86
C GLU A 198 -20.97 -15.44 -37.30
N PHE A 199 -20.36 -15.61 -36.13
CA PHE A 199 -20.27 -16.93 -35.50
C PHE A 199 -21.53 -17.31 -34.70
N GLY A 200 -22.57 -16.50 -34.82
CA GLY A 200 -23.89 -16.80 -34.27
C GLY A 200 -24.06 -16.55 -32.78
N VAL A 201 -23.20 -15.71 -32.22
CA VAL A 201 -23.24 -15.42 -30.78
C VAL A 201 -23.81 -14.01 -30.54
N ASP A 202 -24.95 -13.96 -29.84
CA ASP A 202 -25.50 -12.70 -29.34
C ASP A 202 -24.63 -12.24 -28.17
N PRO A 203 -24.03 -11.04 -28.27
CA PRO A 203 -23.24 -10.50 -27.14
C PRO A 203 -24.05 -10.20 -25.88
N PHE A 205 -25.08 -8.15 -23.79
CA PHE A 205 -24.88 -6.99 -22.95
C PHE A 205 -23.49 -6.43 -23.28
N VAL A 206 -23.44 -5.25 -23.90
CA VAL A 206 -22.17 -4.67 -24.37
C VAL A 206 -21.79 -3.41 -23.58
N HIS A 207 -20.52 -3.33 -23.20
CA HIS A 207 -20.00 -2.17 -22.47
C HIS A 207 -18.56 -1.85 -22.92
N THR A 208 -18.24 -0.57 -23.06
CA THR A 208 -16.91 -0.17 -23.53
C THR A 208 -16.26 0.97 -22.72
N ALA A 209 -17.08 1.80 -22.11
CA ALA A 209 -16.66 3.15 -21.73
C ALA A 209 -16.24 3.25 -20.27
N ASN A 210 -15.04 3.80 -20.06
CA ASN A 210 -14.57 4.23 -18.76
C ASN A 210 -15.07 5.65 -18.46
N SER A 211 -14.60 6.26 -17.37
CA SER A 211 -15.04 7.61 -17.00
C SER A 211 -14.84 8.62 -18.14
N ALA A 212 -13.62 8.67 -18.67
CA ALA A 212 -13.27 9.61 -19.75
C ALA A 212 -14.14 9.42 -20.98
N ALA A 213 -14.27 8.18 -21.45
CA ALA A 213 -15.08 7.88 -22.63
C ALA A 213 -16.56 8.26 -22.41
N THR A 214 -17.11 7.85 -21.26
CA THR A 214 -18.51 8.13 -20.92
C THR A 214 -18.82 9.62 -20.91
N LEU A 215 -17.90 10.40 -20.35
CA LEU A 215 -18.10 11.84 -20.18
C LEU A 215 -17.82 12.66 -21.45
N ARG A 216 -17.25 12.04 -22.47
CA ARG A 216 -16.78 12.77 -23.66
C ARG A 216 -17.50 12.47 -24.97
N PHE A 217 -17.76 11.19 -25.24
CA PHE A 217 -18.08 10.72 -26.58
C PHE A 217 -19.49 10.16 -26.75
N GLN A 218 -20.05 10.35 -27.96
CA GLN A 218 -21.32 9.75 -28.36
C GLN A 218 -21.06 8.39 -29.00
N GLY A 219 -22.03 7.49 -28.93
CA GLY A 219 -21.96 6.20 -29.62
C GLY A 219 -21.18 5.11 -28.91
N ILE A 220 -20.79 5.37 -27.66
CA ILE A 220 -19.97 4.40 -26.90
C ILE A 220 -20.61 3.92 -25.58
N THR A 221 -21.85 4.35 -25.30
CA THR A 221 -22.54 3.92 -24.09
C THR A 221 -23.01 2.46 -24.14
N PHE A 222 -23.41 2.01 -25.32
CA PHE A 222 -23.98 0.67 -25.51
C PHE A 222 -25.00 0.35 -24.42
N ASN A 223 -24.87 -0.78 -23.73
CA ASN A 223 -25.82 -1.18 -22.69
C ASN A 223 -25.38 -0.76 -21.29
N ALA A 224 -24.12 -0.38 -21.14
CA ALA A 224 -23.56 -0.02 -19.82
C ALA A 224 -22.21 0.68 -19.90
N VAL A 225 -21.92 1.51 -18.88
CA VAL A 225 -20.59 2.13 -18.72
C VAL A 225 -19.93 1.64 -17.43
N ARG A 226 -18.61 1.71 -17.39
CA ARG A 226 -17.81 1.26 -16.24
C ARG A 226 -17.06 2.47 -15.66
N ILE A 227 -17.58 3.00 -14.55
CA ILE A 227 -17.08 4.25 -13.97
C ILE A 227 -16.24 3.99 -12.71
N GLY A 228 -15.00 4.45 -12.75
CA GLY A 228 -14.14 4.46 -11.58
C GLY A 228 -13.86 5.88 -11.12
N ILE A 229 -12.85 6.50 -11.73
CA ILE A 229 -12.26 7.74 -11.23
C ILE A 229 -13.26 8.88 -11.02
N ALA A 230 -14.25 8.97 -11.91
CA ALA A 230 -15.21 10.07 -11.89
C ALA A 230 -16.25 9.91 -10.79
N MET A 231 -16.55 8.65 -10.45
CA MET A 231 -17.37 8.36 -9.27
C MET A 231 -16.66 8.85 -7.99
N TYR A 232 -15.34 8.72 -7.95
CA TYR A 232 -14.54 9.20 -6.82
C TYR A 232 -14.34 10.73 -6.87
N GLY A 233 -14.76 11.34 -7.98
CA GLY A 233 -14.86 12.79 -8.10
C GLY A 233 -13.61 13.44 -8.63
N LEU A 234 -12.81 12.66 -9.37
CA LEU A 234 -11.55 13.14 -9.90
C LEU A 234 -11.50 12.98 -11.43
N SER A 235 -10.76 13.87 -12.08
CA SER A 235 -10.64 13.83 -13.54
C SER A 235 -9.66 12.77 -13.99
N PRO A 236 -10.02 12.00 -15.03
CA PRO A 236 -9.13 11.00 -15.64
C PRO A 236 -7.78 11.56 -16.06
N SER A 237 -7.75 12.83 -16.49
CA SER A 237 -6.50 13.52 -16.77
C SER A 237 -6.72 15.02 -16.67
N VAL A 238 -5.62 15.76 -16.51
CA VAL A 238 -5.71 17.22 -16.42
C VAL A 238 -6.07 17.82 -17.78
N GLU A 239 -5.66 17.17 -18.88
CA GLU A 239 -5.90 17.72 -20.21
C GLU A 239 -7.37 17.68 -20.63
N ILE A 240 -8.14 16.69 -20.17
CA ILE A 240 -9.57 16.64 -20.51
C ILE A 240 -10.46 17.36 -19.49
N ARG A 241 -9.88 17.71 -18.35
CA ARG A 241 -10.63 18.34 -17.26
C ARG A 241 -11.45 19.57 -17.69
N PRO A 242 -10.87 20.48 -18.51
CA PRO A 242 -11.64 21.61 -19.03
C PRO A 242 -12.91 21.23 -19.81
N PHE A 243 -12.95 20.03 -20.37
CA PHE A 243 -14.01 19.63 -21.29
C PHE A 243 -15.04 18.69 -20.66
N LEU A 244 -14.95 18.47 -19.36
CA LEU A 244 -15.92 17.61 -18.68
C LEU A 244 -17.29 18.31 -18.60
N PRO A 245 -18.39 17.55 -18.79
CA PRO A 245 -19.73 18.16 -18.88
C PRO A 245 -20.23 18.80 -17.58
N PHE A 246 -19.82 18.25 -16.44
CA PHE A 246 -20.20 18.82 -15.15
C PHE A 246 -19.07 18.69 -14.12
N LEU A 248 -17.06 17.57 -11.10
CA LEU A 248 -16.85 16.36 -10.30
C LEU A 248 -16.56 16.77 -8.86
N GLU A 249 -17.10 16.02 -7.90
CA GLU A 249 -17.00 16.32 -6.48
C GLU A 249 -16.05 15.34 -5.78
N PRO A 250 -14.82 15.77 -5.46
CA PRO A 250 -13.84 14.88 -4.85
C PRO A 250 -14.31 14.27 -3.52
N ALA A 251 -14.25 12.94 -3.41
CA ALA A 251 -14.76 12.21 -2.25
C ALA A 251 -13.74 11.99 -1.14
N LEU A 252 -12.45 11.87 -1.50
CA LEU A 252 -11.41 11.47 -0.55
C LEU A 252 -10.53 12.63 -0.10
N SER A 253 -10.31 12.70 1.20
CA SER A 253 -9.30 13.57 1.77
C SER A 253 -8.44 12.75 2.75
N LEU A 254 -7.23 13.26 3.00
CA LEU A 254 -6.26 12.57 3.85
C LEU A 254 -5.68 13.54 4.88
N HIS A 255 -5.79 13.17 6.15
CA HIS A 255 -5.43 14.06 7.25
C HIS A 255 -4.61 13.38 8.33
N THR A 256 -3.84 14.22 9.03
CA THR A 256 -3.12 13.81 10.22
C THR A 256 -3.10 14.99 11.21
N VAL A 258 -0.55 17.29 14.21
CA VAL A 258 0.78 17.59 14.73
C VAL A 258 1.00 16.78 16.01
N ALA A 259 1.94 15.83 15.93
CA ALA A 259 2.25 14.89 17.01
C ALA A 259 3.36 15.42 17.90
N HIS A 260 4.24 16.21 17.30
CA HIS A 260 5.28 16.90 18.04
C HIS A 260 5.61 18.21 17.33
N ILE A 261 5.98 19.22 18.13
CA ILE A 261 6.40 20.51 17.62
C ILE A 261 7.59 20.99 18.48
N LYS A 262 8.63 21.48 17.82
CA LYS A 262 9.83 21.95 18.50
C LYS A 262 10.55 23.02 17.70
N GLN A 263 11.35 23.81 18.41
CA GLN A 263 12.27 24.75 17.79
C GLN A 263 13.62 24.06 17.66
N VAL A 264 14.11 23.99 16.43
CA VAL A 264 15.38 23.36 16.14
C VAL A 264 16.37 24.45 15.74
N ILE A 265 17.49 24.53 16.46
CA ILE A 265 18.50 25.58 16.24
C ILE A 265 19.09 25.53 14.83
N GLY A 267 21.23 25.14 11.66
CA GLY A 267 22.23 24.16 11.26
C GLY A 267 22.01 22.72 11.71
N ASP A 268 21.00 22.47 12.55
CA ASP A 268 20.71 21.09 12.99
C ASP A 268 19.99 20.30 11.90
N GLY A 269 20.26 18.99 11.85
CA GLY A 269 19.70 18.10 10.85
C GLY A 269 18.36 17.47 11.21
N ILE A 270 17.57 17.15 10.19
CA ILE A 270 16.28 16.46 10.34
C ILE A 270 16.28 15.17 9.52
N SER A 271 16.04 14.06 10.21
CA SER A 271 15.79 12.74 9.62
C SER A 271 17.02 12.08 9.02
N TYR A 272 16.79 10.98 8.29
CA TYR A 272 17.85 10.12 7.82
C TYR A 272 18.82 10.81 6.87
N ASN A 273 20.10 10.54 7.10
CA ASN A 273 21.17 11.03 6.25
C ASN A 273 21.25 12.56 6.20
N VAL A 274 20.69 13.20 7.22
CA VAL A 274 20.75 14.65 7.43
C VAL A 274 20.63 15.44 6.12
N THR A 275 19.60 15.08 5.34
CA THR A 275 19.40 15.65 4.01
C THR A 275 18.81 17.06 4.11
N TYR A 276 18.28 17.39 5.28
CA TYR A 276 17.82 18.74 5.56
C TYR A 276 18.50 19.29 6.82
N ARG A 277 18.93 20.54 6.72
CA ARG A 277 19.40 21.28 7.89
C ARG A 277 18.66 22.61 7.94
N THR A 278 18.33 23.04 9.15
CA THR A 278 17.65 24.31 9.35
C THR A 278 18.62 25.46 9.02
N THR A 280 17.78 28.72 10.01
CA THR A 280 17.65 29.55 11.19
C THR A 280 17.13 28.63 12.30
N GLU A 281 16.75 29.21 13.42
CA GLU A 281 15.97 28.48 14.40
C GLU A 281 14.58 28.26 13.80
N GLU A 282 14.21 27.00 13.55
CA GLU A 282 13.00 26.69 12.82
C GLU A 282 12.01 25.90 13.66
N TRP A 283 10.73 26.21 13.49
CA TRP A 283 9.67 25.36 14.01
C TRP A 283 9.56 24.13 13.11
N ILE A 284 9.80 22.95 13.71
CA ILE A 284 9.66 21.68 13.01
C ILE A 284 8.57 20.86 13.72
N ALA A 285 7.53 20.54 12.98
CA ALA A 285 6.44 19.68 13.45
C ALA A 285 6.63 18.29 12.87
N THR A 286 6.15 17.29 13.61
CA THR A 286 6.22 15.89 13.20
C THR A 286 4.80 15.33 13.17
N VAL A 287 4.49 14.53 12.13
CA VAL A 287 3.19 13.89 12.01
C VAL A 287 3.33 12.37 11.92
N ALA A 288 2.31 11.64 12.39
CA ALA A 288 2.30 10.19 12.34
C ALA A 288 1.73 9.65 11.02
N ILE A 289 2.45 9.88 9.93
CA ILE A 289 2.16 9.20 8.66
C ILE A 289 3.46 9.12 7.85
N GLY A 290 3.64 8.02 7.13
CA GLY A 290 4.88 7.77 6.40
C GLY A 290 4.64 6.86 5.22
N TYR A 291 5.71 6.32 4.67
CA TYR A 291 5.63 5.55 3.43
C TYR A 291 4.94 4.19 3.58
N ALA A 292 4.99 3.62 4.79
CA ALA A 292 4.22 2.40 5.09
C ALA A 292 2.71 2.65 4.95
N ASP A 293 2.31 3.92 4.99
CA ASP A 293 0.92 4.30 4.73
C ASP A 293 0.67 4.66 3.27
N GLY A 294 1.70 4.60 2.43
CA GLY A 294 1.59 4.98 1.04
C GLY A 294 1.96 6.41 0.72
N TRP A 295 2.37 7.15 1.74
CA TRP A 295 2.85 8.53 1.57
C TRP A 295 4.35 8.45 1.40
N LEU A 296 4.81 8.44 0.14
CA LEU A 296 6.13 7.96 -0.20
C LEU A 296 7.24 8.99 0.00
N ARG A 297 8.47 8.47 0.00
CA ARG A 297 9.67 9.27 0.20
C ARG A 297 9.86 10.34 -0.87
N ARG A 298 9.39 10.05 -2.09
CA ARG A 298 9.41 11.02 -3.18
C ARG A 298 8.56 12.28 -2.95
N LEU A 299 7.78 12.30 -1.87
CA LEU A 299 7.01 13.49 -1.48
C LEU A 299 7.76 14.48 -0.57
N GLN A 300 9.01 14.18 -0.22
CA GLN A 300 9.87 15.14 0.47
C GLN A 300 9.95 16.43 -0.35
N GLY A 301 9.73 17.58 0.32
CA GLY A 301 9.69 18.87 -0.34
C GLY A 301 8.30 19.31 -0.79
N PHE A 302 7.34 18.38 -0.80
CA PHE A 302 5.96 18.72 -1.12
C PHE A 302 5.38 19.52 0.03
N GLU A 303 4.42 20.39 -0.28
CA GLU A 303 3.81 21.24 0.73
C GLU A 303 2.45 20.70 1.14
N VAL A 304 2.29 20.45 2.43
CA VAL A 304 1.00 20.03 3.01
C VAL A 304 0.33 21.27 3.60
N LEU A 305 -0.87 21.11 4.15
CA LEU A 305 -1.62 22.24 4.68
C LEU A 305 -1.71 22.20 6.20
N VAL A 306 -1.27 23.28 6.83
CA VAL A 306 -1.41 23.48 8.27
C VAL A 306 -1.99 24.88 8.49
N ASN A 307 -3.18 24.94 9.12
CA ASN A 307 -3.92 26.19 9.33
C ASN A 307 -4.10 27.01 8.06
N GLY A 308 -4.42 26.32 6.97
CA GLY A 308 -4.69 26.96 5.68
C GLY A 308 -3.47 27.49 4.97
N ARG A 310 0.39 26.57 3.14
CA ARG A 310 1.22 25.55 2.53
C ARG A 310 2.59 25.54 3.18
N VAL A 311 2.97 24.38 3.73
CA VAL A 311 4.23 24.24 4.45
C VAL A 311 4.96 22.98 3.98
N PRO A 312 6.29 23.07 3.76
CA PRO A 312 7.02 21.99 3.13
C PRO A 312 7.39 20.82 4.04
N ILE A 313 7.33 19.61 3.48
CA ILE A 313 7.88 18.43 4.12
C ILE A 313 9.40 18.52 4.01
N VAL A 314 10.08 18.44 5.15
CA VAL A 314 11.53 18.60 5.21
C VAL A 314 12.20 17.36 5.80
N GLY A 315 13.36 17.00 5.24
CA GLY A 315 14.02 15.77 5.61
C GLY A 315 13.33 14.55 5.02
N ARG A 316 14.00 13.42 5.09
CA ARG A 316 13.47 12.16 4.58
C ARG A 316 12.14 11.79 5.24
N VAL A 317 11.21 11.32 4.42
CA VAL A 317 9.97 10.73 4.93
C VAL A 317 10.38 9.38 5.49
N THR A 318 9.89 9.04 6.68
CA THR A 318 10.24 7.78 7.30
C THR A 318 9.06 6.84 7.16
N MET A 319 9.19 5.63 7.68
CA MET A 319 8.18 4.59 7.46
C MET A 319 6.82 5.02 7.99
N ASP A 320 6.81 5.68 9.15
CA ASP A 320 5.57 5.99 9.86
C ASP A 320 5.41 7.46 10.25
N GLN A 321 6.39 8.30 9.88
CA GLN A 321 6.38 9.73 10.27
C GLN A 321 7.06 10.61 9.23
N PHE A 322 6.67 11.89 9.17
CA PHE A 322 7.46 12.90 8.46
C PHE A 322 7.44 14.24 9.19
N MET A 323 8.36 15.12 8.78
CA MET A 323 8.55 16.40 9.43
C MET A 323 8.21 17.56 8.50
N ILE A 324 7.75 18.64 9.10
CA ILE A 324 7.29 19.82 8.37
C ILE A 324 7.90 21.07 8.98
N HIS A 325 8.35 21.98 8.12
CA HIS A 325 8.88 23.28 8.57
C HIS A 325 7.75 24.29 8.59
N LEU A 326 7.37 24.71 9.79
CA LEU A 326 6.31 25.70 9.97
C LEU A 326 6.89 27.08 10.21
N PRO A 327 6.22 28.14 9.72
CA PRO A 327 6.63 29.52 10.02
C PRO A 327 6.50 29.88 11.50
N CYS A 328 5.48 29.33 12.16
CA CYS A 328 5.28 29.58 13.58
C CYS A 328 4.83 28.35 14.33
N GLU A 329 4.83 28.47 15.65
CA GLU A 329 4.37 27.42 16.53
C GLU A 329 2.89 27.21 16.32
N VAL A 330 2.48 25.94 16.33
CA VAL A 330 1.07 25.60 16.43
C VAL A 330 0.94 24.60 17.57
N PRO A 331 -0.26 24.47 18.15
CA PRO A 331 -0.40 23.47 19.20
C PRO A 331 -0.33 22.01 18.73
N LEU A 332 -0.03 21.10 19.64
CA LEU A 332 -0.14 19.68 19.37
C LEU A 332 -1.62 19.36 19.08
N GLY A 333 -1.86 18.52 18.08
CA GLY A 333 -3.23 18.17 17.68
C GLY A 333 -3.76 18.97 16.51
N THR A 334 -3.00 20.00 16.09
CA THR A 334 -3.33 20.79 14.93
C THR A 334 -3.44 19.89 13.69
N VAL A 336 -3.29 18.56 10.03
CA VAL A 336 -2.44 18.66 8.85
C VAL A 336 -3.14 17.93 7.72
N THR A 337 -3.37 18.64 6.61
CA THR A 337 -4.10 18.08 5.49
C THR A 337 -3.17 17.78 4.33
N LEU A 338 -3.20 16.53 3.88
CA LEU A 338 -2.31 16.04 2.84
C LEU A 338 -3.02 16.06 1.49
N ILE A 339 -4.28 15.63 1.49
CA ILE A 339 -5.18 15.80 0.36
C ILE A 339 -6.48 16.34 0.92
N GLY A 340 -6.96 17.45 0.34
CA GLY A 340 -8.19 18.08 0.80
C GLY A 340 -8.03 19.57 1.01
N ARG A 341 -9.05 20.15 1.65
CA ARG A 341 -9.13 21.60 1.82
C ARG A 341 -8.87 22.04 3.24
N GLN A 342 -8.17 23.17 3.35
CA GLN A 342 -8.13 23.97 4.56
C GLN A 342 -8.25 25.44 4.14
N GLY A 343 -9.35 26.08 4.52
CA GLY A 343 -9.62 27.47 4.16
C GLY A 343 -9.70 27.68 2.65
N ASP A 344 -8.87 28.60 2.14
CA ASP A 344 -8.84 28.89 0.69
C ASP A 344 -7.85 28.01 -0.08
N GLU A 345 -7.26 27.02 0.59
CA GLU A 345 -6.29 26.12 -0.04
C GLU A 345 -6.87 24.73 -0.22
N TYR A 346 -6.57 24.12 -1.37
CA TYR A 346 -6.98 22.75 -1.66
C TYR A 346 -5.82 22.02 -2.32
N ILE A 347 -5.49 20.86 -1.77
CA ILE A 347 -4.54 19.94 -2.40
C ILE A 347 -5.33 18.77 -2.94
N SER A 348 -5.30 18.61 -4.26
CA SER A 348 -5.91 17.48 -4.94
C SER A 348 -4.94 16.31 -4.99
N ALA A 349 -5.47 15.11 -5.23
CA ALA A 349 -4.66 13.93 -5.52
C ALA A 349 -3.79 14.15 -6.75
N THR A 350 -4.30 14.93 -7.71
CA THR A 350 -3.58 15.23 -8.94
C THR A 350 -2.31 16.04 -8.65
N GLU A 351 -2.45 17.02 -7.76
CA GLU A 351 -1.31 17.83 -7.34
C GLU A 351 -0.22 17.01 -6.64
N VAL A 352 -0.63 16.11 -5.74
CA VAL A 352 0.28 15.15 -5.11
C VAL A 352 0.92 14.26 -6.18
N ALA A 353 0.09 13.77 -7.11
CA ALA A 353 0.54 12.93 -8.22
C ALA A 353 1.58 13.60 -9.11
N GLU A 354 1.35 14.86 -9.46
CA GLU A 354 2.27 15.61 -10.31
C GLU A 354 3.61 15.82 -9.63
N TYR A 355 3.61 16.17 -8.36
CA TYR A 355 4.84 16.31 -7.61
C TYR A 355 5.59 14.96 -7.59
N SER A 356 4.81 13.87 -7.51
CA SER A 356 5.34 12.52 -7.39
C SER A 356 5.74 11.87 -8.72
N GLY A 357 5.44 12.54 -9.83
CA GLY A 357 5.72 11.98 -11.15
C GLY A 357 4.79 10.82 -11.50
N THR A 358 3.54 10.91 -11.07
CA THR A 358 2.57 9.83 -11.28
C THR A 358 1.18 10.41 -11.55
N ILE A 359 0.14 9.59 -11.41
CA ILE A 359 -1.23 10.02 -11.65
C ILE A 359 -2.09 9.85 -10.41
N ASN A 360 -3.21 10.59 -10.37
CA ASN A 360 -4.08 10.59 -9.18
C ASN A 360 -4.56 9.20 -8.79
N TYR A 361 -4.81 8.34 -9.79
CA TYR A 361 -5.21 6.96 -9.57
C TYR A 361 -4.27 6.26 -8.59
N GLU A 362 -2.96 6.40 -8.83
CA GLU A 362 -1.96 5.72 -8.02
C GLU A 362 -1.89 6.29 -6.60
N ILE A 363 -1.96 7.62 -6.50
CA ILE A 363 -1.89 8.31 -5.21
C ILE A 363 -2.99 7.80 -4.27
N ILE A 364 -4.23 7.80 -4.74
CA ILE A 364 -5.38 7.43 -3.89
C ILE A 364 -5.45 5.93 -3.58
N THR A 365 -5.12 5.11 -4.56
CA THR A 365 -5.30 3.66 -4.45
C THR A 365 -4.26 3.03 -3.52
N THR A 366 -3.11 3.67 -3.38
CA THR A 366 -2.00 3.13 -2.56
C THR A 366 -1.98 3.66 -1.12
N ILE A 367 -3.01 4.39 -0.73
CA ILE A 367 -3.18 4.72 0.69
C ILE A 367 -3.40 3.39 1.41
N SER A 368 -2.52 3.08 2.34
CA SER A 368 -2.41 1.76 2.94
C SER A 368 -3.64 1.34 3.74
N PHE A 369 -3.84 0.02 3.81
CA PHE A 369 -4.91 -0.60 4.58
C PHE A 369 -4.79 -0.33 6.08
N ARG A 370 -3.62 0.10 6.55
CA ARG A 370 -3.44 0.40 7.96
C ARG A 370 -3.94 1.81 8.35
N VAL A 371 -4.37 2.60 7.35
CA VAL A 371 -4.98 3.91 7.60
C VAL A 371 -6.51 3.76 7.68
N PRO A 372 -7.13 4.21 8.78
CA PRO A 372 -8.59 4.10 8.88
C PRO A 372 -9.33 5.05 7.92
N ARG A 373 -10.52 4.63 7.50
CA ARG A 373 -11.40 5.43 6.68
C ARG A 373 -12.59 5.87 7.50
N ILE A 374 -12.90 7.17 7.46
CA ILE A 374 -14.08 7.73 8.11
C ILE A 374 -15.06 8.15 7.03
N PHE A 375 -16.30 7.69 7.14
CA PHE A 375 -17.31 7.92 6.11
C PHE A 375 -18.34 8.96 6.56
N ILE A 376 -18.48 10.00 5.74
CA ILE A 376 -19.35 11.15 6.02
C ILE A 376 -20.57 11.10 5.11
N ARG A 377 -21.76 11.15 5.70
CA ARG A 377 -23.02 11.34 4.97
C ARG A 377 -23.81 12.49 5.60
N ASN A 378 -24.24 13.44 4.77
CA ASN A 378 -24.95 14.63 5.22
C ASN A 378 -24.22 15.32 6.38
N GLY A 379 -22.91 15.51 6.22
CA GLY A 379 -22.08 16.19 7.20
C GLY A 379 -21.74 15.41 8.47
N VAL A 381 -20.53 11.72 10.58
CA VAL A 381 -19.85 10.43 10.51
C VAL A 381 -20.84 9.29 10.67
N VAL A 382 -20.97 8.47 9.63
CA VAL A 382 -21.90 7.35 9.61
C VAL A 382 -21.22 5.99 9.73
N GLU A 383 -19.92 5.92 9.48
CA GLU A 383 -19.16 4.68 9.60
C GLU A 383 -17.67 4.96 9.72
N VAL A 384 -16.98 4.09 10.44
CA VAL A 384 -15.52 4.10 10.49
C VAL A 384 -15.03 2.67 10.29
N ILE A 385 -14.12 2.50 9.34
CA ILE A 385 -13.51 1.20 9.06
C ILE A 385 -12.00 1.26 9.28
N ASN A 386 -11.53 0.44 10.21
CA ASN A 386 -10.10 0.26 10.50
C ASN A 386 -9.74 -1.19 10.20
N TYR A 387 -9.18 -1.43 9.02
CA TYR A 387 -8.84 -2.77 8.56
C TYR A 387 -7.87 -3.51 9.51
N LEU A 388 -6.99 -2.78 10.20
CA LEU A 388 -6.10 -3.41 11.18
C LEU A 388 -6.87 -4.16 12.28
N ASN A 389 -8.04 -3.65 12.67
CA ASN A 389 -8.91 -4.34 13.65
C ASN A 389 -9.42 -5.71 13.20
N ASP A 390 -9.42 -5.94 11.89
CA ASP A 390 -10.04 -7.14 11.31
C ASP A 390 -9.05 -8.30 11.10
N ILE A 391 -7.74 -8.03 11.09
CA ILE A 391 -6.76 -9.02 10.61
C ILE A 391 -6.18 -9.92 11.70
N ALA B 6 -5.84 -18.70 4.61
CA ALA B 6 -6.27 -19.81 3.73
C ALA B 6 -6.38 -19.44 2.22
N PRO B 7 -7.60 -19.46 1.66
CA PRO B 7 -7.68 -19.42 0.20
C PRO B 7 -7.38 -18.05 -0.40
N PHE B 8 -6.74 -18.06 -1.58
CA PHE B 8 -6.60 -16.86 -2.40
C PHE B 8 -6.82 -17.27 -3.86
N TYR B 9 -7.34 -16.34 -4.66
CA TYR B 9 -7.87 -16.66 -5.98
C TYR B 9 -7.22 -15.86 -7.13
N ARG B 10 -6.02 -15.37 -6.89
CA ARG B 10 -5.21 -14.76 -7.92
C ARG B 10 -3.79 -15.29 -7.76
N ASP B 11 -3.17 -15.71 -8.87
CA ASP B 11 -1.83 -16.30 -8.81
C ASP B 11 -0.70 -15.25 -8.66
N THR B 12 -0.85 -14.41 -7.64
CA THR B 12 0.09 -13.36 -7.30
C THR B 12 0.27 -13.45 -5.78
N TRP B 13 1.50 -13.62 -5.32
CA TRP B 13 1.74 -13.83 -3.89
C TRP B 13 3.14 -13.41 -3.46
N VAL B 14 3.24 -13.08 -2.18
CA VAL B 14 4.51 -12.92 -1.50
C VAL B 14 4.88 -14.27 -0.86
N GLU B 15 6.15 -14.65 -0.97
CA GLU B 15 6.71 -15.75 -0.19
C GLU B 15 7.62 -15.24 0.92
N VAL B 16 7.31 -15.61 2.15
CA VAL B 16 8.15 -15.29 3.30
C VAL B 16 8.80 -16.57 3.85
N ASP B 17 10.12 -16.65 3.73
CA ASP B 17 10.91 -17.76 4.25
C ASP B 17 11.18 -17.55 5.74
N LEU B 18 10.46 -18.30 6.58
CA LEU B 18 10.57 -18.17 8.02
C LEU B 18 11.91 -18.67 8.54
N ASP B 19 12.55 -19.58 7.80
CA ASP B 19 13.91 -20.04 8.12
C ASP B 19 14.90 -18.89 8.04
N ALA B 20 14.78 -18.08 6.99
CA ALA B 20 15.67 -16.95 6.79
C ALA B 20 15.58 -15.97 7.97
N ILE B 21 14.34 -15.60 8.33
CA ILE B 21 14.10 -14.69 9.44
C ILE B 21 14.66 -15.29 10.73
N TYR B 22 14.33 -16.56 10.97
CA TYR B 22 14.85 -17.30 12.13
C TYR B 22 16.37 -17.32 12.18
N ASN B 23 17.01 -17.54 11.02
CA ASN B 23 18.47 -17.56 10.94
C ASN B 23 19.08 -16.19 11.20
N ASN B 24 18.47 -15.15 10.65
CA ASN B 24 18.96 -13.78 10.82
C ASN B 24 18.93 -13.35 12.29
N VAL B 25 17.82 -13.63 12.97
CA VAL B 25 17.69 -13.31 14.38
C VAL B 25 18.69 -14.12 15.21
N THR B 26 18.83 -15.40 14.90
CA THR B 26 19.81 -16.27 15.57
C THR B 26 21.23 -15.75 15.41
N HIS B 27 21.59 -15.34 14.20
CA HIS B 27 22.96 -14.88 13.95
C HIS B 27 23.25 -13.56 14.64
N ILE B 28 22.24 -12.68 14.70
CA ILE B 28 22.36 -11.41 15.42
C ILE B 28 22.53 -11.66 16.91
N GLU B 30 23.66 -14.37 18.40
CA GLU B 30 24.99 -14.92 18.69
C GLU B 30 26.13 -13.91 18.43
N PHE B 31 25.86 -12.86 17.65
CA PHE B 31 26.84 -11.80 17.37
C PHE B 31 26.95 -10.75 18.50
N ILE B 32 25.81 -10.43 19.13
CA ILE B 32 25.77 -9.44 20.21
C ILE B 32 26.03 -10.13 21.57
N PRO B 33 26.31 -9.36 22.63
CA PRO B 33 26.55 -9.98 23.94
C PRO B 33 25.35 -10.72 24.49
N SER B 34 25.61 -11.71 25.33
CA SER B 34 24.57 -12.59 25.87
C SER B 34 23.54 -11.88 26.75
N ASP B 35 23.91 -10.73 27.31
CA ASP B 35 23.00 -9.95 28.16
C ASP B 35 22.31 -8.77 27.41
N VAL B 36 22.34 -8.81 26.08
CA VAL B 36 21.65 -7.80 25.26
C VAL B 36 20.44 -8.43 24.58
N GLU B 37 19.26 -7.88 24.86
CA GLU B 37 18.02 -8.35 24.26
C GLU B 37 17.84 -7.82 22.84
N ILE B 38 16.94 -8.47 22.09
CA ILE B 38 16.58 -8.05 20.76
C ILE B 38 15.09 -7.70 20.73
N PHE B 39 14.78 -6.48 20.29
CA PHE B 39 13.45 -6.11 19.84
C PHE B 39 13.31 -6.56 18.41
N ALA B 40 12.27 -7.33 18.11
CA ALA B 40 11.90 -7.56 16.72
C ALA B 40 11.02 -6.40 16.28
N VAL B 41 11.49 -5.62 15.31
CA VAL B 41 10.75 -4.45 14.83
C VAL B 41 9.81 -4.87 13.68
N VAL B 42 8.51 -4.91 13.97
CA VAL B 42 7.51 -5.45 13.05
C VAL B 42 6.43 -4.44 12.65
N LYS B 43 6.78 -3.16 12.70
CA LYS B 43 5.90 -2.12 12.17
C LYS B 43 5.83 -2.17 10.65
N GLY B 44 4.83 -1.49 10.10
CA GLY B 44 4.60 -1.49 8.66
C GLY B 44 4.31 -2.87 8.13
N ASN B 45 3.42 -3.59 8.82
CA ASN B 45 3.07 -4.96 8.48
C ASN B 45 4.31 -5.86 8.44
N ALA B 46 5.15 -5.72 9.47
CA ALA B 46 6.46 -6.37 9.52
C ALA B 46 7.26 -6.10 8.23
N TYR B 47 7.35 -4.84 7.86
CA TYR B 47 8.06 -4.42 6.63
C TYR B 47 7.52 -5.21 5.43
N GLY B 48 6.21 -5.40 5.39
CA GLY B 48 5.53 -6.16 4.35
C GLY B 48 5.56 -7.68 4.48
N HIS B 49 6.13 -8.22 5.56
CA HIS B 49 6.23 -9.67 5.73
C HIS B 49 5.06 -10.25 6.52
N ASP B 50 4.26 -9.36 7.11
CA ASP B 50 3.11 -9.65 7.99
C ASP B 50 3.47 -9.68 9.49
N TYR B 51 2.77 -8.83 10.24
CA TYR B 51 2.96 -8.61 11.68
C TYR B 51 3.18 -9.89 12.50
N VAL B 52 2.20 -10.78 12.46
CA VAL B 52 2.09 -11.89 13.41
C VAL B 52 3.10 -13.02 13.18
N PRO B 53 3.16 -13.56 11.94
CA PRO B 53 4.14 -14.63 11.69
C PRO B 53 5.60 -14.25 11.91
N VAL B 54 5.97 -13.01 11.61
CA VAL B 54 7.33 -12.52 11.83
C VAL B 54 7.61 -12.37 13.34
N ALA B 55 6.66 -11.77 14.06
CA ALA B 55 6.76 -11.65 15.51
C ALA B 55 6.96 -13.02 16.15
N ILE B 57 8.03 -15.97 14.79
CA ILE B 57 9.31 -16.61 14.45
C ILE B 57 10.52 -15.91 15.06
N ALA B 58 10.46 -14.58 15.17
CA ALA B 58 11.52 -13.79 15.81
C ALA B 58 11.66 -14.14 17.29
N LEU B 59 10.52 -14.30 17.95
CA LEU B 59 10.49 -14.68 19.36
C LEU B 59 11.05 -16.09 19.55
N GLU B 60 10.69 -17.00 18.67
CA GLU B 60 11.25 -18.36 18.69
C GLU B 60 12.76 -18.36 18.49
N ALA B 61 13.27 -17.47 17.64
CA ALA B 61 14.70 -17.37 17.36
C ALA B 61 15.51 -16.71 18.49
N GLY B 62 14.82 -16.12 19.47
CA GLY B 62 15.51 -15.58 20.64
C GLY B 62 15.23 -14.13 20.94
N ALA B 63 14.56 -13.43 20.04
CA ALA B 63 14.08 -12.09 20.34
C ALA B 63 13.14 -12.21 21.53
N THR B 64 13.14 -11.20 22.39
CA THR B 64 12.31 -11.23 23.60
C THR B 64 11.26 -10.12 23.62
N ARG B 65 11.39 -9.14 22.73
CA ARG B 65 10.53 -7.97 22.73
C ARG B 65 10.11 -7.61 21.31
N LEU B 66 9.01 -6.89 21.19
CA LEU B 66 8.49 -6.46 19.90
C LEU B 66 8.32 -4.94 19.86
N ALA B 67 8.41 -4.39 18.65
CA ALA B 67 8.30 -2.94 18.43
C ALA B 67 7.44 -2.64 17.20
N VAL B 68 6.48 -1.73 17.38
CA VAL B 68 5.58 -1.30 16.30
C VAL B 68 5.60 0.22 16.17
N ALA B 69 4.82 0.75 15.21
CA ALA B 69 4.81 2.17 14.89
C ALA B 69 3.74 2.94 15.68
N PHE B 70 2.56 2.34 15.82
CA PHE B 70 1.46 2.94 16.55
C PHE B 70 0.58 1.85 17.16
N LEU B 71 -0.34 2.25 18.03
CA LEU B 71 -1.02 1.30 18.95
C LEU B 71 -1.80 0.20 18.24
N ASP B 72 -2.54 0.57 17.19
CA ASP B 72 -3.36 -0.41 16.45
C ASP B 72 -2.56 -1.62 15.98
N GLU B 73 -1.30 -1.40 15.63
CA GLU B 73 -0.42 -2.50 15.20
C GLU B 73 -0.08 -3.44 16.34
N ALA B 74 0.10 -2.88 17.53
CA ALA B 74 0.37 -3.69 18.72
C ALA B 74 -0.84 -4.57 19.06
N LEU B 75 -2.05 -4.05 18.80
CA LEU B 75 -3.28 -4.78 19.09
C LEU B 75 -3.52 -5.94 18.13
N VAL B 76 -3.02 -5.82 16.90
CA VAL B 76 -3.00 -6.94 15.96
C VAL B 76 -2.25 -8.11 16.60
N LEU B 77 -1.07 -7.83 17.13
CA LEU B 77 -0.23 -8.83 17.77
C LEU B 77 -0.90 -9.41 19.01
N ARG B 78 -1.48 -8.55 19.84
CA ARG B 78 -2.11 -8.97 21.09
C ARG B 78 -3.28 -9.92 20.83
N ARG B 79 -4.11 -9.59 19.84
CA ARG B 79 -5.24 -10.44 19.44
C ARG B 79 -4.79 -11.80 18.90
N ALA B 80 -3.59 -11.86 18.35
CA ALA B 80 -3.03 -13.14 17.88
C ALA B 80 -2.53 -14.03 19.04
N GLY B 81 -2.61 -13.54 20.28
CA GLY B 81 -2.17 -14.30 21.44
C GLY B 81 -0.73 -14.07 21.83
N ILE B 82 -0.07 -13.10 21.19
CA ILE B 82 1.31 -12.71 21.52
C ILE B 82 1.31 -12.01 22.88
N THR B 83 2.15 -12.46 23.80
CA THR B 83 2.23 -11.88 25.15
C THR B 83 3.55 -11.19 25.47
N ALA B 84 4.54 -11.29 24.57
CA ALA B 84 5.83 -10.63 24.78
C ALA B 84 5.64 -9.12 24.84
N PRO B 85 6.57 -8.41 25.50
CA PRO B 85 6.44 -6.95 25.56
C PRO B 85 6.35 -6.33 24.15
N ILE B 86 5.52 -5.29 24.00
CA ILE B 86 5.42 -4.51 22.76
C ILE B 86 5.58 -3.02 23.04
N LEU B 87 6.54 -2.39 22.35
CA LEU B 87 6.74 -0.94 22.44
C LEU B 87 6.29 -0.27 21.16
N VAL B 88 5.54 0.81 21.31
CA VAL B 88 5.18 1.71 20.21
C VAL B 88 6.29 2.76 20.06
N LEU B 89 6.92 2.78 18.89
CA LEU B 89 8.10 3.61 18.64
C LEU B 89 7.75 5.03 18.15
N GLY B 90 6.63 5.14 17.45
CA GLY B 90 6.15 6.43 16.94
C GLY B 90 5.40 7.18 18.02
N PRO B 91 4.99 8.42 17.71
CA PRO B 91 4.16 9.18 18.65
C PRO B 91 2.75 8.59 18.76
N SER B 92 2.11 8.86 19.89
CA SER B 92 0.74 8.40 20.17
C SER B 92 -0.04 9.57 20.76
N PRO B 93 -1.34 9.65 20.44
CA PRO B 93 -2.16 10.65 21.10
C PRO B 93 -2.47 10.25 22.55
N PRO B 94 -2.55 11.23 23.47
CA PRO B 94 -2.82 10.96 24.89
C PRO B 94 -4.06 10.09 25.12
N ARG B 95 -5.05 10.18 24.23
CA ARG B 95 -6.27 9.35 24.31
C ARG B 95 -6.00 7.85 24.30
N ASP B 96 -4.79 7.44 23.91
CA ASP B 96 -4.38 6.03 23.93
C ASP B 96 -3.99 5.48 25.30
N ILE B 97 -3.90 6.34 26.31
CA ILE B 97 -3.28 5.96 27.58
C ILE B 97 -3.90 4.71 28.21
N ASN B 98 -5.23 4.67 28.31
CA ASN B 98 -5.93 3.58 28.98
C ASN B 98 -5.94 2.29 28.15
N VAL B 99 -6.23 2.40 26.85
CA VAL B 99 -6.23 1.25 25.95
C VAL B 99 -4.86 0.57 25.86
N ALA B 100 -3.79 1.36 25.80
CA ALA B 100 -2.42 0.80 25.78
C ALA B 100 -2.14 0.03 27.07
N ALA B 101 -2.50 0.64 28.19
CA ALA B 101 -2.37 0.02 29.52
C ALA B 101 -3.16 -1.28 29.64
N GLU B 102 -4.41 -1.26 29.18
CA GLU B 102 -5.29 -2.43 29.22
C GLU B 102 -4.78 -3.58 28.36
N ASN B 103 -3.99 -3.26 27.34
CA ASN B 103 -3.45 -4.25 26.43
C ASN B 103 -1.96 -4.56 26.65
N ASP B 104 -1.43 -4.13 27.79
CA ASP B 104 -0.01 -4.34 28.14
C ASP B 104 0.96 -3.81 27.07
N VAL B 105 0.62 -2.68 26.48
CA VAL B 105 1.47 -2.06 25.46
C VAL B 105 2.13 -0.81 26.01
N ALA B 106 3.44 -0.69 25.77
CA ALA B 106 4.20 0.48 26.18
C ALA B 106 4.23 1.48 25.03
N LEU B 107 4.09 2.77 25.37
CA LEU B 107 4.16 3.84 24.38
C LEU B 107 5.44 4.65 24.60
N THR B 108 5.94 5.29 23.55
CA THR B 108 6.99 6.27 23.77
C THR B 108 6.31 7.58 24.18
N VAL B 109 6.75 8.11 25.32
CA VAL B 109 6.21 9.32 25.91
C VAL B 109 7.39 10.23 26.22
N PHE B 110 7.29 11.49 25.79
CA PHE B 110 8.42 12.42 25.89
C PHE B 110 8.03 13.91 25.99
N GLN B 111 6.75 14.20 26.24
CA GLN B 111 6.22 15.56 26.26
C GLN B 111 5.45 15.84 27.55
N GLU B 113 3.16 18.04 27.78
CA GLU B 113 1.80 18.23 27.30
C GLU B 113 1.02 16.92 27.19
N TRP B 114 1.71 15.87 26.74
CA TRP B 114 1.12 14.53 26.67
C TRP B 114 0.71 14.07 28.07
N VAL B 115 1.63 14.23 29.02
CA VAL B 115 1.38 13.82 30.42
C VAL B 115 0.21 14.60 31.02
N ASP B 116 0.18 15.91 30.79
CA ASP B 116 -0.93 16.76 31.26
C ASP B 116 -2.28 16.25 30.73
N GLU B 117 -2.34 15.93 29.43
CA GLU B 117 -3.56 15.45 28.82
C GLU B 117 -3.91 14.02 29.25
N ALA B 118 -2.90 13.18 29.48
CA ALA B 118 -3.09 11.81 29.96
C ALA B 118 -3.70 11.79 31.37
N ILE B 119 -3.23 12.71 32.21
CA ILE B 119 -3.79 12.92 33.55
C ILE B 119 -5.30 13.19 33.46
N LEU B 121 -7.30 12.35 30.97
CA LEU B 121 -8.02 11.26 30.30
C LEU B 121 -7.90 9.91 31.02
N TRP B 122 -7.06 9.85 32.04
CA TRP B 122 -6.80 8.63 32.77
C TRP B 122 -8.08 8.08 33.43
N ASP B 123 -8.28 6.78 33.31
CA ASP B 123 -9.48 6.11 33.82
C ASP B 123 -9.46 5.87 35.32
N GLY B 124 -8.37 6.28 35.98
CA GLY B 124 -8.27 6.21 37.43
C GLY B 124 -7.83 4.87 37.99
N SER B 125 -7.57 3.89 37.13
CA SER B 125 -7.19 2.54 37.57
C SER B 125 -5.95 1.97 36.84
N SER B 126 -5.83 2.23 35.54
CA SER B 126 -4.79 1.60 34.71
C SER B 126 -3.38 2.14 34.97
N THR B 127 -2.38 1.26 34.78
CA THR B 127 -0.97 1.66 34.85
C THR B 127 -0.34 1.42 33.49
N MET B 128 0.17 2.47 32.87
CA MET B 128 0.78 2.37 31.55
C MET B 128 2.30 2.51 31.64
N TYR B 130 5.92 3.24 29.73
CA TYR B 130 6.40 4.13 28.67
C TYR B 130 7.92 4.09 28.57
N HIS B 131 8.42 4.42 27.38
CA HIS B 131 9.85 4.61 27.17
C HIS B 131 10.05 6.07 26.80
N ILE B 132 11.08 6.70 27.38
CA ILE B 132 11.47 8.03 26.97
C ILE B 132 12.32 7.94 25.71
N ASN B 133 11.87 8.64 24.67
CA ASN B 133 12.67 8.84 23.48
C ASN B 133 13.51 10.11 23.66
N PHE B 134 14.83 9.97 23.57
CA PHE B 134 15.73 11.12 23.48
C PHE B 134 16.12 11.32 22.02
N ASP B 135 15.83 12.51 21.51
CA ASP B 135 16.27 12.92 20.18
C ASP B 135 17.71 13.40 20.27
N SER B 136 18.63 12.57 19.78
CA SER B 136 20.06 12.86 19.80
C SER B 136 20.60 13.35 18.43
N GLY B 137 19.69 13.66 17.50
CA GLY B 137 20.08 14.12 16.16
C GLY B 137 19.24 13.62 15.00
N MET B 138 18.29 12.72 15.26
CA MET B 138 17.36 12.29 14.21
C MET B 138 16.33 13.40 13.85
N GLY B 139 16.05 14.29 14.79
CA GLY B 139 15.15 15.43 14.54
C GLY B 139 13.67 15.10 14.35
N ARG B 140 13.27 13.89 14.73
CA ARG B 140 11.91 13.39 14.48
C ARG B 140 11.02 13.56 15.71
N ILE B 141 11.15 12.66 16.68
CA ILE B 141 10.52 12.84 17.99
C ILE B 141 11.54 12.65 19.11
N GLY B 142 11.14 13.03 20.31
CA GLY B 142 11.95 12.83 21.50
C GLY B 142 12.45 14.11 22.11
N ILE B 143 12.87 14.01 23.37
CA ILE B 143 13.41 15.15 24.12
C ILE B 143 14.82 15.49 23.62
N ARG B 144 15.07 16.79 23.44
CA ARG B 144 16.36 17.29 22.97
C ARG B 144 17.14 18.02 24.05
N GLU B 145 16.44 18.72 24.95
CA GLU B 145 17.10 19.64 25.88
C GLU B 145 16.90 19.27 27.36
N ARG B 146 17.81 19.80 28.17
CA ARG B 146 17.87 19.56 29.60
C ARG B 146 16.66 20.14 30.33
N GLU B 148 13.87 21.11 28.90
CA GLU B 148 12.74 20.34 28.37
C GLU B 148 12.56 19.03 29.17
N LEU B 149 13.64 18.29 29.37
CA LEU B 149 13.58 17.07 30.17
C LEU B 149 13.07 17.34 31.59
N GLY B 151 11.17 19.78 32.75
CA GLY B 151 9.73 20.03 32.72
C GLY B 151 8.89 18.77 32.51
N PHE B 152 9.40 17.87 31.67
CA PHE B 152 8.75 16.57 31.41
C PHE B 152 8.68 15.75 32.69
N LEU B 153 9.81 15.62 33.38
CA LEU B 153 9.87 14.90 34.65
C LEU B 153 8.97 15.53 35.71
N SER B 155 6.11 17.21 35.18
CA SER B 155 4.71 16.84 34.88
C SER B 155 4.39 15.40 35.30
N LEU B 156 5.36 14.51 35.18
CA LEU B 156 5.20 13.10 35.55
C LEU B 156 4.94 12.91 37.06
N GLU B 157 5.31 13.90 37.86
CA GLU B 157 5.01 13.90 39.30
C GLU B 157 3.50 13.85 39.57
N GLY B 158 2.71 14.45 38.69
CA GLY B 158 1.25 14.38 38.79
C GLY B 158 0.61 13.19 38.08
N ALA B 159 1.44 12.25 37.60
CA ALA B 159 0.97 11.10 36.82
C ALA B 159 1.60 9.80 37.33
N PRO B 160 1.32 9.41 38.58
CA PRO B 160 1.84 8.17 39.17
C PRO B 160 1.46 6.90 38.41
N PHE B 161 0.43 6.99 37.57
CA PHE B 161 -0.04 5.87 36.75
C PHE B 161 0.83 5.61 35.50
N LEU B 162 1.79 6.51 35.24
CA LEU B 162 2.79 6.29 34.19
C LEU B 162 4.09 5.80 34.82
N GLU B 163 4.60 4.68 34.33
CA GLU B 163 5.79 4.06 34.87
C GLU B 163 6.82 3.80 33.78
N LEU B 164 8.05 4.26 34.01
CA LEU B 164 9.12 4.13 33.04
C LEU B 164 9.54 2.67 32.89
N GLU B 165 9.62 2.21 31.64
CA GLU B 165 10.12 0.88 31.33
C GLU B 165 11.50 0.95 30.68
N GLY B 166 11.78 2.01 29.95
CA GLY B 166 13.07 2.16 29.31
C GLY B 166 13.29 3.53 28.73
N VAL B 167 14.47 3.70 28.15
CA VAL B 167 14.93 4.97 27.60
C VAL B 167 15.72 4.67 26.34
N TYR B 168 15.46 5.41 25.26
CA TYR B 168 16.16 5.16 24.01
C TYR B 168 16.41 6.39 23.16
N THR B 169 17.28 6.21 22.18
CA THR B 169 17.45 7.14 21.07
C THR B 169 17.58 6.33 19.77
N HIS B 170 17.70 7.04 18.64
CA HIS B 170 17.73 6.42 17.32
C HIS B 170 18.74 7.17 16.45
N PHE B 171 19.51 6.42 15.66
CA PHE B 171 20.58 6.99 14.84
C PHE B 171 20.10 7.29 13.42
N ALA B 172 20.51 8.44 12.90
CA ALA B 172 20.10 8.93 11.59
C ALA B 172 21.05 8.53 10.46
N THR B 173 22.29 8.16 10.79
CA THR B 173 23.33 7.95 9.78
C THR B 173 24.15 6.66 9.97
N ALA B 174 23.64 5.70 10.73
CA ALA B 174 24.37 4.45 11.03
C ALA B 174 24.64 3.59 9.78
N ASP B 175 24.02 3.94 8.66
CA ASP B 175 24.20 3.24 7.41
C ASP B 175 25.11 3.98 6.43
N GLU B 176 25.77 5.05 6.91
CA GLU B 176 26.79 5.75 6.14
C GLU B 176 28.16 5.31 6.63
N VAL B 177 29.09 5.06 5.72
CA VAL B 177 30.41 4.54 6.09
C VAL B 177 31.16 5.51 6.99
N GLU B 178 31.20 6.79 6.63
CA GLU B 178 31.88 7.78 7.48
C GLU B 178 30.95 8.12 8.65
N THR B 179 31.54 8.24 9.83
CA THR B 179 30.86 7.97 11.08
C THR B 179 30.74 9.20 12.03
N SER B 180 31.04 10.40 11.52
CA SER B 180 31.07 11.62 12.36
C SER B 180 29.74 11.96 13.00
N TYR B 181 28.68 11.96 12.19
CA TYR B 181 27.36 12.31 12.70
C TYR B 181 26.87 11.27 13.70
N PHE B 182 27.15 9.99 13.45
CA PHE B 182 26.84 8.93 14.40
C PHE B 182 27.57 9.13 15.74
N ASP B 183 28.85 9.48 15.67
CA ASP B 183 29.66 9.71 16.87
C ASP B 183 29.12 10.88 17.69
N GLN B 185 25.92 11.88 17.68
CA GLN B 185 24.69 11.41 18.31
C GLN B 185 25.01 10.61 19.57
N TYR B 186 25.97 9.70 19.47
CA TYR B 186 26.42 8.87 20.58
C TYR B 186 26.82 9.73 21.80
N ASN B 187 27.67 10.73 21.57
CA ASN B 187 28.10 11.66 22.61
C ASN B 187 26.96 12.49 23.19
N THR B 188 26.05 12.93 22.33
CA THR B 188 24.87 13.68 22.75
C THR B 188 23.97 12.84 23.65
N PHE B 189 23.80 11.58 23.28
CA PHE B 189 22.97 10.67 24.06
C PHE B 189 23.56 10.35 25.44
N LEU B 190 24.88 10.21 25.54
CA LEU B 190 25.51 9.99 26.85
C LEU B 190 25.25 11.16 27.79
N GLU B 191 25.24 12.38 27.22
CA GLU B 191 24.92 13.59 27.96
C GLU B 191 23.47 13.60 28.45
N GLN B 192 22.56 13.15 27.57
CA GLN B 192 21.14 13.08 27.91
C GLN B 192 20.89 12.06 29.03
N LEU B 193 21.60 10.95 29.00
CA LEU B 193 21.57 9.97 30.07
C LEU B 193 22.14 10.55 31.37
N SER B 194 23.13 11.44 31.27
CA SER B 194 23.66 12.11 32.46
C SER B 194 22.67 13.13 33.05
N TRP B 195 21.83 13.75 32.22
CA TRP B 195 20.76 14.62 32.71
C TRP B 195 19.77 13.84 33.58
N LEU B 196 19.39 12.66 33.09
CA LEU B 196 18.47 11.78 33.79
C LEU B 196 19.02 11.38 35.16
N GLU B 198 21.37 12.95 36.89
CA GLU B 198 21.33 14.17 37.68
C GLU B 198 19.97 14.41 38.30
N PHE B 199 18.90 14.18 37.54
CA PHE B 199 17.53 14.40 38.03
C PHE B 199 16.99 13.22 38.83
N GLY B 200 17.84 12.24 39.11
CA GLY B 200 17.52 11.12 39.99
C GLY B 200 16.70 10.00 39.37
N VAL B 201 16.72 9.89 38.05
CA VAL B 201 15.91 8.90 37.33
C VAL B 201 16.79 7.78 36.77
N ASP B 202 16.58 6.57 37.29
CA ASP B 202 17.19 5.36 36.75
C ASP B 202 16.50 5.02 35.42
N PRO B 203 17.25 5.00 34.30
CA PRO B 203 16.67 4.69 32.98
C PRO B 203 16.16 3.25 32.86
N PHE B 205 16.35 0.47 31.53
CA PHE B 205 16.54 -0.36 30.35
C PHE B 205 16.84 0.56 29.18
N VAL B 206 18.05 0.49 28.64
CA VAL B 206 18.50 1.44 27.62
C VAL B 206 18.77 0.72 26.30
N HIS B 207 18.31 1.31 25.21
CA HIS B 207 18.51 0.78 23.86
C HIS B 207 18.69 1.91 22.86
N THR B 208 19.58 1.72 21.87
CA THR B 208 19.89 2.77 20.89
C THR B 208 19.96 2.30 19.43
N ALA B 209 20.28 1.02 19.24
CA ALA B 209 20.84 0.54 17.99
C ALA B 209 19.83 -0.11 17.05
N ASN B 210 19.78 0.40 15.82
CA ASN B 210 19.08 -0.23 14.72
C ASN B 210 19.97 -1.34 14.11
N SER B 211 19.53 -1.95 13.01
CA SER B 211 20.31 -3.00 12.35
C SER B 211 21.75 -2.56 12.05
N ALA B 212 21.88 -1.41 11.37
CA ALA B 212 23.18 -0.91 10.96
C ALA B 212 24.11 -0.68 12.15
N ALA B 213 23.60 0.00 13.17
CA ALA B 213 24.37 0.28 14.37
C ALA B 213 24.80 -1.00 15.10
N THR B 214 23.87 -1.93 15.28
CA THR B 214 24.21 -3.16 16.01
C THR B 214 25.25 -4.00 15.26
N LEU B 215 25.16 -4.04 13.93
CA LEU B 215 26.06 -4.85 13.13
C LEU B 215 27.47 -4.24 12.95
N ARG B 216 27.62 -2.96 13.29
CA ARG B 216 28.85 -2.21 12.99
C ARG B 216 29.69 -1.79 14.18
N PHE B 217 29.04 -1.27 15.23
CA PHE B 217 29.75 -0.50 16.26
C PHE B 217 29.82 -1.15 17.65
N GLN B 218 30.90 -0.87 18.35
CA GLN B 218 31.02 -1.22 19.77
C GLN B 218 30.42 -0.11 20.63
N GLY B 219 30.02 -0.47 21.85
CA GLY B 219 29.60 0.51 22.85
C GLY B 219 28.18 1.03 22.71
N ILE B 220 27.39 0.45 21.81
CA ILE B 220 26.02 0.93 21.55
C ILE B 220 24.92 -0.10 21.80
N THR B 221 25.29 -1.30 22.24
CA THR B 221 24.29 -2.36 22.49
C THR B 221 23.45 -2.08 23.74
N PHE B 222 24.05 -1.45 24.75
CA PHE B 222 23.41 -1.21 26.05
C PHE B 222 22.64 -2.46 26.51
N ASN B 223 21.36 -2.33 26.85
CA ASN B 223 20.58 -3.48 27.33
C ASN B 223 19.81 -4.20 26.23
N ALA B 224 19.68 -3.57 25.06
CA ALA B 224 18.87 -4.14 23.98
C ALA B 224 19.09 -3.42 22.66
N VAL B 225 18.88 -4.16 21.56
CA VAL B 225 18.94 -3.61 20.22
C VAL B 225 17.57 -3.74 19.53
N ARG B 226 17.33 -2.87 18.55
CA ARG B 226 16.07 -2.83 17.81
C ARG B 226 16.31 -3.17 16.35
N ILE B 227 16.00 -4.41 15.98
CA ILE B 227 16.34 -4.94 14.65
C ILE B 227 15.12 -5.01 13.74
N GLY B 228 15.17 -4.30 12.61
CA GLY B 228 14.17 -4.42 11.56
C GLY B 228 14.76 -5.07 10.32
N ILE B 229 15.40 -4.27 9.49
CA ILE B 229 15.78 -4.66 8.12
C ILE B 229 16.65 -5.92 8.03
N ALA B 230 17.56 -6.09 9.00
CA ALA B 230 18.51 -7.20 9.00
C ALA B 230 17.82 -8.50 9.40
N MET B 231 16.79 -8.43 10.23
CA MET B 231 15.93 -9.58 10.53
C MET B 231 15.22 -10.09 9.26
N TYR B 232 14.84 -9.15 8.38
CA TYR B 232 14.23 -9.50 7.08
C TYR B 232 15.27 -9.93 6.06
N GLY B 233 16.55 -9.77 6.40
CA GLY B 233 17.66 -10.34 5.63
C GLY B 233 18.19 -9.41 4.58
N LEU B 234 18.00 -8.12 4.80
CA LEU B 234 18.38 -7.11 3.82
C LEU B 234 19.32 -6.09 4.48
N SER B 235 20.23 -5.55 3.67
CA SER B 235 21.18 -4.56 4.14
C SER B 235 20.54 -3.18 4.30
N PRO B 236 20.83 -2.49 5.43
CA PRO B 236 20.39 -1.10 5.64
C PRO B 236 20.78 -0.15 4.51
N SER B 237 21.92 -0.40 3.88
CA SER B 237 22.33 0.36 2.71
C SER B 237 23.32 -0.43 1.89
N VAL B 238 23.48 -0.04 0.64
CA VAL B 238 24.42 -0.69 -0.25
C VAL B 238 25.87 -0.37 0.16
N GLU B 239 26.09 0.83 0.71
CA GLU B 239 27.45 1.27 1.06
C GLU B 239 28.03 0.55 2.30
N ILE B 240 27.21 0.11 3.23
CA ILE B 240 27.73 -0.65 4.39
C ILE B 240 27.69 -2.16 4.18
N ARG B 241 27.03 -2.58 3.10
CA ARG B 241 26.89 -4.01 2.77
C ARG B 241 28.22 -4.79 2.80
N PRO B 242 29.29 -4.24 2.20
CA PRO B 242 30.59 -4.92 2.24
C PRO B 242 31.15 -5.16 3.65
N PHE B 243 30.72 -4.36 4.61
CA PHE B 243 31.29 -4.37 5.96
C PHE B 243 30.45 -5.12 7.00
N LEU B 244 29.37 -5.76 6.57
CA LEU B 244 28.52 -6.52 7.49
C LEU B 244 29.25 -7.78 7.96
N PRO B 245 29.10 -8.12 9.26
CA PRO B 245 29.85 -9.23 9.86
C PRO B 245 29.51 -10.61 9.31
N PHE B 246 28.25 -10.82 8.96
CA PHE B 246 27.81 -12.09 8.39
C PHE B 246 26.76 -11.88 7.29
N LEU B 248 23.46 -11.90 5.39
CA LEU B 248 22.03 -11.79 5.69
C LEU B 248 21.25 -12.63 4.69
N GLU B 249 20.20 -13.31 5.17
CA GLU B 249 19.41 -14.22 4.35
C GLU B 249 18.03 -13.62 4.04
N PRO B 250 17.84 -13.11 2.79
CA PRO B 250 16.57 -12.44 2.43
C PRO B 250 15.33 -13.32 2.59
N ALA B 251 14.34 -12.82 3.32
CA ALA B 251 13.15 -13.61 3.69
C ALA B 251 11.99 -13.51 2.70
N LEU B 252 11.90 -12.37 2.00
CA LEU B 252 10.74 -12.08 1.15
C LEU B 252 11.05 -12.17 -0.33
N SER B 253 10.17 -12.86 -1.05
CA SER B 253 10.15 -12.84 -2.51
C SER B 253 8.72 -12.55 -2.98
N LEU B 254 8.59 -12.06 -4.21
CA LEU B 254 7.31 -11.64 -4.77
C LEU B 254 7.15 -12.25 -6.15
N HIS B 255 6.06 -12.98 -6.35
CA HIS B 255 5.83 -13.73 -7.60
C HIS B 255 4.44 -13.53 -8.17
N THR B 256 4.34 -13.78 -9.48
CA THR B 256 3.07 -13.83 -10.17
C THR B 256 3.17 -14.90 -11.28
N VAL B 258 2.11 -15.89 -15.62
CA VAL B 258 1.67 -15.42 -16.94
C VAL B 258 0.19 -15.73 -17.09
N ALA B 259 -0.61 -14.67 -17.11
CA ALA B 259 -2.08 -14.73 -17.15
C ALA B 259 -2.56 -14.73 -18.60
N HIS B 260 -1.81 -14.07 -19.47
CA HIS B 260 -2.07 -14.09 -20.89
C HIS B 260 -0.76 -13.96 -21.63
N ILE B 261 -0.68 -14.56 -22.81
CA ILE B 261 0.47 -14.43 -23.70
C ILE B 261 -0.05 -14.38 -25.13
N LYS B 262 0.49 -13.43 -25.91
CA LYS B 262 0.07 -13.21 -27.29
C LYS B 262 1.22 -12.70 -28.13
N GLN B 263 1.09 -12.89 -29.45
CA GLN B 263 1.96 -12.24 -30.42
C GLN B 263 1.29 -10.98 -30.90
N VAL B 264 1.96 -9.85 -30.72
CA VAL B 264 1.45 -8.56 -31.13
C VAL B 264 2.24 -8.07 -32.33
N ILE B 265 1.55 -7.75 -33.42
CA ILE B 265 2.22 -7.35 -34.65
C ILE B 265 3.00 -6.06 -34.51
N GLY B 267 4.45 -2.52 -34.52
CA GLY B 267 3.84 -1.19 -34.50
C GLY B 267 2.64 -1.03 -33.60
N ASP B 268 2.06 -2.13 -33.12
CA ASP B 268 0.89 -2.04 -32.24
C ASP B 268 1.26 -1.57 -30.81
N GLY B 269 0.36 -0.83 -30.16
CA GLY B 269 0.52 -0.23 -28.84
C GLY B 269 0.18 -1.15 -27.67
N ILE B 270 0.86 -0.94 -26.55
CA ILE B 270 0.56 -1.65 -25.31
C ILE B 270 0.24 -0.63 -24.22
N SER B 271 -0.96 -0.78 -23.64
CA SER B 271 -1.38 -0.06 -22.43
C SER B 271 -1.70 1.43 -22.63
N TYR B 272 -1.94 2.12 -21.52
CA TYR B 272 -2.43 3.49 -21.56
C TYR B 272 -1.51 4.43 -22.30
N ASN B 273 -2.13 5.28 -23.12
CA ASN B 273 -1.44 6.35 -23.84
C ASN B 273 -0.37 5.86 -24.82
N VAL B 274 -0.49 4.59 -25.20
CA VAL B 274 0.35 3.96 -26.19
C VAL B 274 1.81 4.38 -26.06
N THR B 275 2.34 4.23 -24.84
CA THR B 275 3.69 4.68 -24.53
C THR B 275 4.73 3.67 -25.01
N TYR B 276 4.27 2.45 -25.30
CA TYR B 276 5.09 1.41 -25.92
C TYR B 276 4.45 0.94 -27.23
N ARG B 277 5.27 0.79 -28.25
CA ARG B 277 4.88 0.10 -29.48
C ARG B 277 5.90 -0.98 -29.80
N THR B 278 5.41 -2.11 -30.32
CA THR B 278 6.26 -3.22 -30.71
C THR B 278 7.10 -2.83 -31.94
N THR B 280 8.82 -5.31 -33.68
CA THR B 280 8.58 -6.46 -34.55
C THR B 280 7.31 -7.13 -34.07
N GLU B 281 7.01 -8.31 -34.60
CA GLU B 281 5.99 -9.16 -33.97
C GLU B 281 6.56 -9.65 -32.64
N GLU B 282 5.95 -9.22 -31.53
CA GLU B 282 6.51 -9.48 -30.21
C GLU B 282 5.61 -10.36 -29.35
N TRP B 283 6.23 -11.27 -28.60
CA TRP B 283 5.53 -11.99 -27.54
C TRP B 283 5.34 -11.04 -26.35
N ILE B 284 4.08 -10.76 -26.04
CA ILE B 284 3.70 -9.91 -24.91
C ILE B 284 2.90 -10.76 -23.91
N ALA B 285 3.44 -10.90 -22.70
CA ALA B 285 2.76 -11.56 -21.61
C ALA B 285 2.17 -10.53 -20.66
N THR B 286 1.08 -10.90 -20.01
CA THR B 286 0.40 -10.05 -19.03
C THR B 286 0.37 -10.81 -17.71
N VAL B 287 0.62 -10.10 -16.62
CA VAL B 287 0.51 -10.68 -15.28
C VAL B 287 -0.47 -9.89 -14.41
N ALA B 288 -1.08 -10.57 -13.45
CA ALA B 288 -2.06 -9.98 -12.54
C ALA B 288 -1.41 -9.35 -11.30
N ILE B 289 -0.65 -8.28 -11.52
CA ILE B 289 -0.18 -7.43 -10.43
C ILE B 289 0.04 -6.02 -10.97
N GLY B 290 -0.24 -5.02 -10.14
CA GLY B 290 -0.16 -3.63 -10.54
C GLY B 290 0.08 -2.70 -9.38
N TYR B 291 -0.15 -1.41 -9.60
CA TYR B 291 0.20 -0.39 -8.59
C TYR B 291 -0.69 -0.42 -7.37
N ALA B 292 -1.92 -0.93 -7.51
CA ALA B 292 -2.80 -1.15 -6.34
C ALA B 292 -2.20 -2.19 -5.39
N ASP B 293 -1.25 -2.98 -5.90
CA ASP B 293 -0.51 -3.95 -5.10
C ASP B 293 0.79 -3.40 -4.55
N GLY B 294 1.10 -2.15 -4.90
CA GLY B 294 2.36 -1.52 -4.49
C GLY B 294 3.46 -1.59 -5.53
N TRP B 295 3.17 -2.24 -6.66
CA TRP B 295 4.12 -2.33 -7.77
C TRP B 295 3.89 -1.15 -8.70
N LEU B 296 4.66 -0.10 -8.53
CA LEU B 296 4.28 1.21 -9.03
C LEU B 296 4.60 1.46 -10.49
N ARG B 297 3.95 2.49 -11.04
CA ARG B 297 4.09 2.88 -12.44
C ARG B 297 5.53 3.25 -12.80
N ARG B 298 6.27 3.76 -11.84
CA ARG B 298 7.70 4.06 -12.00
C ARG B 298 8.59 2.84 -12.31
N LEU B 299 8.03 1.63 -12.18
CA LEU B 299 8.76 0.40 -12.51
C LEU B 299 8.60 -0.06 -13.98
N GLN B 300 7.89 0.72 -14.78
CA GLN B 300 7.88 0.52 -16.23
C GLN B 300 9.32 0.56 -16.75
N GLY B 301 9.68 -0.45 -17.57
CA GLY B 301 11.06 -0.59 -18.07
C GLY B 301 11.98 -1.44 -17.21
N PHE B 302 11.55 -1.72 -15.97
CA PHE B 302 12.30 -2.62 -15.08
C PHE B 302 12.17 -4.04 -15.60
N GLU B 303 13.19 -4.86 -15.34
CA GLU B 303 13.18 -6.25 -15.78
C GLU B 303 12.69 -7.16 -14.66
N VAL B 304 11.73 -8.02 -14.97
CA VAL B 304 11.33 -9.12 -14.10
C VAL B 304 12.00 -10.41 -14.59
N LEU B 305 11.78 -11.50 -13.86
CA LEU B 305 12.37 -12.79 -14.21
C LEU B 305 11.32 -13.79 -14.70
N VAL B 306 11.53 -14.30 -15.92
CA VAL B 306 10.72 -15.37 -16.50
C VAL B 306 11.65 -16.47 -17.01
N ASN B 307 11.47 -17.68 -16.49
CA ASN B 307 12.34 -18.82 -16.81
C ASN B 307 13.84 -18.50 -16.69
N GLY B 308 14.18 -17.76 -15.63
CA GLY B 308 15.57 -17.42 -15.34
C GLY B 308 16.17 -16.34 -16.21
N ARG B 310 15.97 -12.22 -17.64
CA ARG B 310 15.49 -10.87 -17.38
C ARG B 310 14.72 -10.35 -18.59
N VAL B 311 13.51 -9.90 -18.36
CA VAL B 311 12.63 -9.42 -19.42
C VAL B 311 11.97 -8.13 -18.94
N PRO B 312 11.87 -7.13 -19.83
CA PRO B 312 11.40 -5.81 -19.45
C PRO B 312 9.88 -5.67 -19.34
N ILE B 313 9.44 -4.87 -18.36
CA ILE B 313 8.07 -4.39 -18.28
C ILE B 313 7.86 -3.33 -19.35
N VAL B 314 6.86 -3.53 -20.20
CA VAL B 314 6.61 -2.63 -21.34
C VAL B 314 5.22 -2.02 -21.25
N GLY B 315 5.12 -0.75 -21.63
CA GLY B 315 3.89 -0.01 -21.49
C GLY B 315 3.59 0.33 -20.04
N ARG B 316 2.61 1.19 -19.86
CA ARG B 316 2.21 1.65 -18.53
C ARG B 316 1.79 0.48 -17.65
N VAL B 317 2.24 0.52 -16.40
CA VAL B 317 1.75 -0.39 -15.37
C VAL B 317 0.34 0.07 -15.06
N THR B 318 -0.59 -0.86 -14.97
CA THR B 318 -1.98 -0.51 -14.68
C THR B 318 -2.26 -0.86 -13.22
N MET B 319 -3.47 -0.59 -12.75
CA MET B 319 -3.80 -0.74 -11.33
C MET B 319 -3.62 -2.17 -10.85
N ASP B 320 -3.95 -3.13 -11.70
CA ASP B 320 -3.95 -4.52 -11.30
C ASP B 320 -3.15 -5.44 -12.23
N GLN B 321 -2.56 -4.89 -13.29
CA GLN B 321 -1.85 -5.68 -14.30
C GLN B 321 -0.65 -4.93 -14.88
N PHE B 322 0.33 -5.68 -15.37
CA PHE B 322 1.33 -5.10 -16.29
C PHE B 322 1.77 -6.12 -17.34
N MET B 323 2.45 -5.62 -18.36
CA MET B 323 2.83 -6.40 -19.53
C MET B 323 4.35 -6.50 -19.65
N ILE B 324 4.80 -7.62 -20.21
CA ILE B 324 6.20 -7.94 -20.35
C ILE B 324 6.50 -8.40 -21.77
N HIS B 325 7.62 -7.93 -22.32
CA HIS B 325 8.07 -8.37 -23.64
C HIS B 325 9.03 -9.56 -23.51
N LEU B 326 8.55 -10.72 -23.94
CA LEU B 326 9.32 -11.94 -23.88
C LEU B 326 9.97 -12.22 -25.24
N PRO B 327 11.19 -12.77 -25.24
CA PRO B 327 11.81 -13.21 -26.50
C PRO B 327 11.04 -14.34 -27.17
N CYS B 328 10.45 -15.24 -26.38
CA CYS B 328 9.71 -16.36 -26.92
C CYS B 328 8.44 -16.65 -26.14
N GLU B 329 7.61 -17.50 -26.73
CA GLU B 329 6.39 -17.94 -26.10
C GLU B 329 6.74 -18.74 -24.85
N VAL B 330 5.97 -18.51 -23.78
CA VAL B 330 5.97 -19.41 -22.64
C VAL B 330 4.51 -19.80 -22.39
N PRO B 331 4.28 -20.93 -21.69
CA PRO B 331 2.90 -21.30 -21.37
C PRO B 331 2.20 -20.37 -20.38
N LEU B 332 0.86 -20.37 -20.40
CA LEU B 332 0.09 -19.71 -19.36
C LEU B 332 0.40 -20.41 -18.04
N GLY B 333 0.56 -19.63 -16.97
CA GLY B 333 0.87 -20.17 -15.65
C GLY B 333 2.35 -20.16 -15.33
N THR B 334 3.17 -19.77 -16.30
CA THR B 334 4.62 -19.65 -16.08
C THR B 334 4.89 -18.62 -14.98
N VAL B 336 6.50 -15.74 -12.88
CA VAL B 336 7.19 -14.49 -13.08
C VAL B 336 7.64 -14.02 -11.69
N THR B 337 8.93 -13.77 -11.54
CA THR B 337 9.47 -13.35 -10.26
C THR B 337 9.88 -11.89 -10.30
N LEU B 338 9.36 -11.13 -9.34
CA LEU B 338 9.55 -9.69 -9.28
C LEU B 338 10.65 -9.35 -8.26
N ILE B 339 10.61 -10.04 -7.12
CA ILE B 339 11.69 -10.03 -6.13
C ILE B 339 11.98 -11.48 -5.80
N GLY B 340 13.25 -11.87 -5.90
CA GLY B 340 13.64 -13.26 -5.61
C GLY B 340 14.49 -13.85 -6.71
N ARG B 341 14.70 -15.16 -6.65
CA ARG B 341 15.61 -15.85 -7.54
C ARG B 341 14.90 -16.77 -8.53
N GLN B 342 15.39 -16.77 -9.76
CA GLN B 342 15.09 -17.80 -10.75
C GLN B 342 16.41 -18.20 -11.40
N GLY B 343 16.84 -19.44 -11.18
CA GLY B 343 18.11 -19.93 -11.73
C GLY B 343 19.31 -19.12 -11.25
N ASP B 344 20.10 -18.63 -12.20
CA ASP B 344 21.27 -17.77 -11.91
C ASP B 344 20.93 -16.32 -11.63
N GLU B 345 19.66 -15.94 -11.76
CA GLU B 345 19.28 -14.53 -11.61
C GLU B 345 18.58 -14.27 -10.29
N TYR B 346 18.91 -13.15 -9.67
CA TYR B 346 18.30 -12.71 -8.43
C TYR B 346 17.97 -11.22 -8.50
N ILE B 347 16.72 -10.88 -8.24
CA ILE B 347 16.33 -9.47 -8.12
C ILE B 347 16.05 -9.20 -6.65
N SER B 348 16.88 -8.35 -6.05
CA SER B 348 16.68 -7.92 -4.66
C SER B 348 15.70 -6.76 -4.60
N ALA B 349 15.14 -6.52 -3.41
CA ALA B 349 14.35 -5.31 -3.16
C ALA B 349 15.18 -4.04 -3.36
N THR B 350 16.49 -4.13 -3.14
CA THR B 350 17.38 -2.99 -3.33
C THR B 350 17.49 -2.64 -4.81
N GLU B 351 17.59 -3.65 -5.67
CA GLU B 351 17.64 -3.40 -7.12
C GLU B 351 16.35 -2.74 -7.61
N VAL B 352 15.21 -3.24 -7.17
CA VAL B 352 13.92 -2.61 -7.48
C VAL B 352 13.92 -1.17 -6.96
N ALA B 353 14.39 -1.00 -5.73
CA ALA B 353 14.49 0.32 -5.09
C ALA B 353 15.32 1.31 -5.92
N GLU B 354 16.48 0.85 -6.37
CA GLU B 354 17.39 1.71 -7.12
C GLU B 354 16.79 2.10 -8.48
N TYR B 355 16.13 1.18 -9.16
CA TYR B 355 15.41 1.55 -10.37
C TYR B 355 14.32 2.58 -10.06
N SER B 356 13.68 2.42 -8.90
CA SER B 356 12.54 3.26 -8.48
C SER B 356 12.94 4.61 -7.91
N GLY B 357 14.24 4.81 -7.66
CA GLY B 357 14.72 6.00 -6.99
C GLY B 357 14.35 6.03 -5.50
N THR B 358 14.41 4.86 -4.85
CA THR B 358 14.03 4.76 -3.44
C THR B 358 14.92 3.75 -2.70
N ILE B 359 14.46 3.27 -1.55
CA ILE B 359 15.23 2.31 -0.75
C ILE B 359 14.45 1.04 -0.53
N ASN B 360 15.16 -0.05 -0.26
CA ASN B 360 14.54 -1.36 -0.13
C ASN B 360 13.41 -1.40 0.91
N TYR B 361 13.58 -0.64 2.00
CA TYR B 361 12.56 -0.52 3.04
C TYR B 361 11.18 -0.18 2.45
N GLU B 362 11.15 0.80 1.57
CA GLU B 362 9.91 1.28 0.99
C GLU B 362 9.31 0.25 0.02
N ILE B 363 10.16 -0.39 -0.77
CA ILE B 363 9.72 -1.40 -1.73
C ILE B 363 8.94 -2.52 -1.03
N ILE B 364 9.55 -3.09 0.01
CA ILE B 364 8.95 -4.25 0.70
C ILE B 364 7.73 -3.88 1.55
N THR B 365 7.78 -2.72 2.20
CA THR B 365 6.74 -2.32 3.15
C THR B 365 5.43 -1.95 2.45
N THR B 366 5.52 -1.51 1.21
CA THR B 366 4.34 -1.05 0.48
C THR B 366 3.68 -2.12 -0.39
N ILE B 367 4.15 -3.36 -0.30
CA ILE B 367 3.43 -4.46 -0.94
C ILE B 367 2.07 -4.52 -0.25
N SER B 368 1.01 -4.36 -1.05
CA SER B 368 -0.32 -4.13 -0.54
C SER B 368 -0.87 -5.29 0.29
N PHE B 369 -1.79 -4.96 1.18
CA PHE B 369 -2.51 -5.93 2.01
C PHE B 369 -3.41 -6.86 1.18
N ARG B 370 -3.70 -6.49 -0.06
CA ARG B 370 -4.51 -7.37 -0.93
C ARG B 370 -3.69 -8.49 -1.59
N VAL B 371 -2.37 -8.49 -1.39
CA VAL B 371 -1.50 -9.58 -1.83
C VAL B 371 -1.35 -10.61 -0.70
N PRO B 372 -1.68 -11.89 -0.97
CA PRO B 372 -1.49 -12.92 0.05
C PRO B 372 -0.01 -13.22 0.37
N ARG B 373 0.24 -13.64 1.61
CA ARG B 373 1.56 -14.07 2.05
C ARG B 373 1.56 -15.57 2.31
N ILE B 374 2.55 -16.25 1.75
CA ILE B 374 2.73 -17.68 1.95
C ILE B 374 4.00 -17.87 2.78
N PHE B 375 3.88 -18.61 3.88
CA PHE B 375 4.98 -18.75 4.82
C PHE B 375 5.61 -20.14 4.75
N ILE B 376 6.92 -20.15 4.50
CA ILE B 376 7.68 -21.38 4.30
C ILE B 376 8.58 -21.65 5.52
N ARG B 377 8.44 -22.84 6.10
CA ARG B 377 9.35 -23.31 7.14
C ARG B 377 9.86 -24.71 6.77
N ASN B 378 11.18 -24.88 6.79
CA ASN B 378 11.83 -26.14 6.39
C ASN B 378 11.37 -26.62 5.01
N GLY B 379 11.32 -25.67 4.06
CA GLY B 379 10.92 -25.97 2.68
C GLY B 379 9.44 -26.20 2.43
N VAL B 381 5.17 -25.19 3.02
CA VAL B 381 4.20 -24.16 3.35
C VAL B 381 3.52 -24.49 4.68
N VAL B 382 3.72 -23.63 5.68
CA VAL B 382 3.14 -23.80 7.01
C VAL B 382 1.97 -22.86 7.32
N GLU B 383 1.84 -21.78 6.55
CA GLU B 383 0.73 -20.83 6.72
C GLU B 383 0.51 -19.99 5.48
N VAL B 384 -0.74 -19.63 5.24
CA VAL B 384 -1.09 -18.66 4.21
C VAL B 384 -2.01 -17.64 4.84
N ILE B 385 -1.67 -16.36 4.68
CA ILE B 385 -2.50 -15.26 5.16
C ILE B 385 -2.96 -14.41 4.00
N ASN B 386 -4.27 -14.31 3.82
CA ASN B 386 -4.89 -13.44 2.84
C ASN B 386 -5.78 -12.43 3.57
N TYR B 387 -5.25 -11.24 3.78
CA TYR B 387 -5.97 -10.20 4.54
C TYR B 387 -7.34 -9.82 3.95
N LEU B 388 -7.48 -9.91 2.64
CA LEU B 388 -8.78 -9.67 2.00
C LEU B 388 -9.90 -10.58 2.55
N ASN B 389 -9.56 -11.80 2.93
CA ASN B 389 -10.50 -12.72 3.59
C ASN B 389 -11.02 -12.23 4.95
N ASP B 390 -10.28 -11.34 5.60
CA ASP B 390 -10.57 -10.95 6.97
C ASP B 390 -11.43 -9.68 7.09
N ILE B 391 -11.50 -8.88 6.02
CA ILE B 391 -12.05 -7.51 6.12
C ILE B 391 -13.55 -7.43 5.83
#